data_5KPQ
#
_entry.id   5KPQ
#
_cell.length_a   48.628
_cell.length_b   92.465
_cell.length_c   163.847
_cell.angle_alpha   90.00
_cell.angle_beta   90.00
_cell.angle_gamma   90.00
#
_symmetry.space_group_name_H-M   'P 21 21 21'
#
loop_
_entity.id
_entity.type
_entity.pdbx_description
1 polymer 'Poly [ADP-ribose] polymerase 1'
2 non-polymer 1-[[4-fluoranyl-3-[(3R)-3-methyl-4-propyl-piperazin-1-yl]carbonyl-phenyl]methyl]quinazoline-2,4-dione
3 water water
#
_entity_poly.entity_id   1
_entity_poly.type   'polypeptide(L)'
_entity_poly.pdbx_seq_one_letter_code
;KSKLPKPVQDLIKMIFDVESMKKAMVEYEIDLQKMPLGKLSKRQIQAAYSILSEVQQAVSQGSSDSQILDLSNRFYTLIP
HDFGMKKPPLLNNADSVQAKAEMLDNLLDIEVAYSLLRGGSDDSSKDPIDVNYEKLKTDIKVVDRDSEEAEIIRKYVKNT
HATTHNAYDLEVIDIFKIEREGECQRYKPFKQLHNRRLLWHGSRTTNFAGILSQGLRIAPPEAPVTGYMFGKGIYFADMV
SKSANYCHTSQGDPIGLILLGEVALGNMYELKHASHISKLPKGKHSVKGLGKTTPDPSANISLDGVDVPLGTGISSGVND
TSLLYNEYIVYDIAQVNLKYLLKLKFNFKT
;
_entity_poly.pdbx_strand_id   A,B
#
# COMPACT_ATOMS: atom_id res chain seq x y z
N LYS A 1 -19.37 -34.50 -36.51
CA LYS A 1 -19.95 -34.46 -35.14
C LYS A 1 -18.92 -34.91 -34.09
N SER A 2 -18.72 -34.08 -33.06
CA SER A 2 -17.60 -34.27 -32.12
C SER A 2 -17.72 -35.53 -31.27
N LYS A 3 -16.59 -36.22 -31.09
CA LYS A 3 -16.51 -37.41 -30.26
C LYS A 3 -16.03 -37.10 -28.82
N LEU A 4 -15.81 -35.82 -28.51
CA LEU A 4 -15.48 -35.39 -27.14
C LEU A 4 -16.66 -35.66 -26.21
N PRO A 5 -16.39 -35.91 -24.91
CA PRO A 5 -17.49 -36.09 -23.95
C PRO A 5 -18.35 -34.84 -23.81
N LYS A 6 -19.65 -35.00 -23.58
CA LYS A 6 -20.58 -33.86 -23.43
C LYS A 6 -20.09 -32.77 -22.47
N PRO A 7 -19.68 -33.15 -21.25
CA PRO A 7 -19.16 -32.14 -20.33
C PRO A 7 -18.07 -31.25 -20.92
N VAL A 8 -17.11 -31.85 -21.62
CA VAL A 8 -16.06 -31.08 -22.29
C VAL A 8 -16.63 -30.18 -23.38
N GLN A 9 -17.62 -30.67 -24.13
CA GLN A 9 -18.26 -29.88 -25.19
C GLN A 9 -19.02 -28.66 -24.66
N ASP A 10 -19.73 -28.84 -23.55
CA ASP A 10 -20.44 -27.73 -22.90
C ASP A 10 -19.49 -26.69 -22.29
N LEU A 11 -18.33 -27.15 -21.81
CA LEU A 11 -17.27 -26.24 -21.38
C LEU A 11 -16.74 -25.38 -22.54
N ILE A 12 -16.46 -26.01 -23.69
CA ILE A 12 -15.98 -25.27 -24.87
C ILE A 12 -17.03 -24.26 -25.37
N LYS A 13 -18.31 -24.62 -25.33
CA LYS A 13 -19.40 -23.69 -25.70
C LYS A 13 -19.42 -22.48 -24.78
N MET A 14 -19.40 -22.74 -23.47
CA MET A 14 -19.33 -21.71 -22.41
C MET A 14 -18.23 -20.69 -22.62
N ILE A 15 -16.99 -21.16 -22.75
CA ILE A 15 -15.84 -20.27 -22.71
C ILE A 15 -15.59 -19.50 -24.01
N PHE A 16 -16.09 -20.01 -25.14
CA PHE A 16 -16.00 -19.30 -26.42
C PHE A 16 -17.31 -18.61 -26.80
N ASP A 17 -18.14 -18.32 -25.80
CA ASP A 17 -19.44 -17.70 -26.02
C ASP A 17 -19.27 -16.20 -26.29
N VAL A 18 -19.51 -15.80 -27.53
CA VAL A 18 -19.35 -14.41 -27.97
C VAL A 18 -20.33 -13.45 -27.29
N GLU A 19 -21.57 -13.89 -27.08
CA GLU A 19 -22.56 -13.08 -26.36
C GLU A 19 -22.18 -12.82 -24.90
N SER A 20 -21.55 -13.81 -24.27
CA SER A 20 -21.08 -13.68 -22.88
C SER A 20 -19.96 -12.65 -22.75
N MET A 21 -19.09 -12.60 -23.77
CA MET A 21 -18.01 -11.60 -23.81
C MET A 21 -18.59 -10.19 -23.85
N LYS A 22 -19.61 -9.98 -24.69
CA LYS A 22 -20.29 -8.70 -24.82
C LYS A 22 -21.02 -8.30 -23.54
N LYS A 23 -21.69 -9.27 -22.93
CA LYS A 23 -22.35 -9.08 -21.64
C LYS A 23 -21.38 -8.56 -20.59
N ALA A 24 -20.18 -9.14 -20.54
CA ALA A 24 -19.15 -8.71 -19.61
C ALA A 24 -18.67 -7.28 -19.90
N MET A 25 -18.58 -6.92 -21.19
CA MET A 25 -18.18 -5.55 -21.56
C MET A 25 -19.17 -4.52 -21.02
N VAL A 26 -20.48 -4.73 -21.22
CA VAL A 26 -21.49 -3.81 -20.67
C VAL A 26 -21.61 -3.84 -19.13
N GLU A 27 -21.22 -4.94 -18.49
CA GLU A 27 -21.06 -4.96 -17.03
C GLU A 27 -20.02 -3.96 -16.53
N TYR A 28 -19.01 -3.69 -17.35
CA TYR A 28 -18.01 -2.66 -17.09
C TYR A 28 -18.32 -1.31 -17.76
N GLU A 29 -19.58 -1.09 -18.15
CA GLU A 29 -20.09 0.18 -18.65
C GLU A 29 -19.41 0.68 -19.94
N ILE A 30 -18.95 -0.25 -20.77
CA ILE A 30 -18.30 0.07 -22.03
C ILE A 30 -19.36 0.29 -23.11
N ASP A 31 -19.05 1.14 -24.08
CA ASP A 31 -19.91 1.36 -25.25
C ASP A 31 -19.48 0.44 -26.39
N LEU A 32 -20.29 -0.58 -26.65
CA LEU A 32 -20.07 -1.52 -27.77
C LEU A 32 -20.35 -0.90 -29.14
N GLN A 33 -21.17 0.16 -29.18
CA GLN A 33 -21.40 0.96 -30.40
C GLN A 33 -20.11 1.60 -30.92
N LYS A 34 -19.29 2.15 -30.02
CA LYS A 34 -18.02 2.77 -30.38
C LYS A 34 -16.81 1.83 -30.24
N MET A 35 -16.82 0.98 -29.21
CA MET A 35 -15.75 0.03 -28.94
C MET A 35 -16.32 -1.40 -28.93
N PRO A 36 -16.66 -1.92 -30.12
CA PRO A 36 -17.17 -3.30 -30.19
C PRO A 36 -16.08 -4.33 -29.97
N LEU A 37 -16.52 -5.58 -29.79
CA LEU A 37 -15.64 -6.71 -29.47
C LEU A 37 -14.56 -6.94 -30.54
N GLY A 38 -14.94 -6.80 -31.81
CA GLY A 38 -13.99 -6.93 -32.92
C GLY A 38 -12.93 -5.83 -33.02
N LYS A 39 -13.25 -4.65 -32.49
CA LYS A 39 -12.33 -3.50 -32.49
C LYS A 39 -11.27 -3.55 -31.37
N LEU A 40 -11.46 -4.44 -30.39
CA LEU A 40 -10.60 -4.55 -29.22
C LEU A 40 -9.18 -5.00 -29.61
N SER A 41 -8.17 -4.42 -28.97
CA SER A 41 -6.76 -4.79 -29.25
C SER A 41 -5.83 -4.49 -28.07
N LYS A 42 -4.73 -5.24 -28.00
CA LYS A 42 -3.77 -5.17 -26.89
C LYS A 42 -3.18 -3.77 -26.68
N ARG A 43 -2.84 -3.07 -27.76
CA ARG A 43 -2.15 -1.78 -27.65
C ARG A 43 -3.09 -0.65 -27.19
N GLN A 44 -4.38 -0.75 -27.53
CA GLN A 44 -5.40 0.13 -26.94
C GLN A 44 -5.55 -0.14 -25.44
N ILE A 45 -5.52 -1.41 -25.06
CA ILE A 45 -5.62 -1.82 -23.66
C ILE A 45 -4.37 -1.41 -22.86
N GLN A 46 -3.20 -1.61 -23.46
CA GLN A 46 -1.93 -1.19 -22.83
C GLN A 46 -1.82 0.32 -22.67
N ALA A 47 -2.31 1.06 -23.66
CA ALA A 47 -2.35 2.52 -23.60
C ALA A 47 -3.28 3.01 -22.49
N ALA A 48 -4.42 2.33 -22.33
CA ALA A 48 -5.37 2.64 -21.26
C ALA A 48 -4.78 2.36 -19.88
N TYR A 49 -4.06 1.25 -19.76
CA TYR A 49 -3.32 0.94 -18.54
C TYR A 49 -2.38 2.10 -18.18
N SER A 50 -1.59 2.56 -19.16
CA SER A 50 -0.66 3.69 -18.98
C SER A 50 -1.36 5.00 -18.58
N ILE A 51 -2.52 5.29 -19.18
CA ILE A 51 -3.30 6.47 -18.79
C ILE A 51 -3.83 6.28 -17.36
N LEU A 52 -4.24 5.06 -17.03
CA LEU A 52 -4.67 4.73 -15.67
C LEU A 52 -3.53 4.77 -14.65
N SER A 53 -2.30 4.49 -15.10
CA SER A 53 -1.09 4.69 -14.28
C SER A 53 -0.78 6.17 -14.01
N GLU A 54 -1.15 7.06 -14.92
CA GLU A 54 -1.01 8.50 -14.68
C GLU A 54 -2.06 9.01 -13.70
N VAL A 55 -3.30 8.54 -13.82
CA VAL A 55 -4.35 8.91 -12.87
C VAL A 55 -3.94 8.46 -11.47
N GLN A 56 -3.39 7.25 -11.37
CA GLN A 56 -2.76 6.74 -10.13
C GLN A 56 -1.76 7.75 -9.55
N GLN A 57 -0.86 8.25 -10.39
CA GLN A 57 0.18 9.21 -9.99
C GLN A 57 -0.42 10.46 -9.31
N ALA A 58 -1.37 11.08 -10.00
CA ALA A 58 -2.01 12.30 -9.51
C ALA A 58 -2.90 12.10 -8.28
N VAL A 59 -3.42 10.89 -8.09
CA VAL A 59 -4.19 10.54 -6.88
C VAL A 59 -3.27 10.45 -5.66
N SER A 60 -2.16 9.73 -5.81
CA SER A 60 -1.15 9.59 -4.75
C SER A 60 -0.64 10.94 -4.25
N GLN A 61 -0.37 11.86 -5.18
CA GLN A 61 0.23 13.17 -4.86
C GLN A 61 -0.76 14.36 -4.78
N GLY A 62 -2.06 14.09 -4.80
CA GLY A 62 -3.08 15.13 -4.63
C GLY A 62 -3.04 16.25 -5.65
N SER A 64 -5.56 17.85 -7.34
CA SER A 64 -6.55 18.84 -7.76
C SER A 64 -7.57 18.23 -8.72
N ASP A 65 -8.82 18.67 -8.65
CA ASP A 65 -9.87 18.23 -9.57
C ASP A 65 -9.81 18.92 -10.95
N SER A 66 -8.99 19.96 -11.09
CA SER A 66 -8.79 20.63 -12.39
C SER A 66 -7.91 19.80 -13.32
N GLN A 67 -6.76 19.34 -12.83
CA GLN A 67 -5.82 18.54 -13.64
C GLN A 67 -6.32 17.11 -13.85
N ILE A 68 -6.83 16.50 -12.77
CA ILE A 68 -7.40 15.13 -12.81
C ILE A 68 -8.43 14.96 -13.93
N LEU A 69 -9.27 15.99 -14.15
CA LEU A 69 -10.27 15.99 -15.23
C LEU A 69 -9.67 15.59 -16.57
N ASP A 70 -8.53 16.19 -16.91
CA ASP A 70 -7.85 15.92 -18.19
C ASP A 70 -7.36 14.48 -18.28
N LEU A 71 -6.73 13.99 -17.21
CA LEU A 71 -6.28 12.60 -17.13
C LEU A 71 -7.44 11.61 -17.22
N SER A 72 -8.51 11.92 -16.50
CA SER A 72 -9.75 11.12 -16.48
C SER A 72 -10.37 11.04 -17.87
N ASN A 73 -10.50 12.20 -18.53
CA ASN A 73 -11.06 12.28 -19.89
C ASN A 73 -10.26 11.50 -20.94
N ARG A 74 -8.94 11.54 -20.83
CA ARG A 74 -8.07 10.83 -21.78
C ARG A 74 -8.21 9.32 -21.62
N PHE A 75 -8.48 8.85 -20.40
CA PHE A 75 -8.78 7.44 -20.18
C PHE A 75 -10.04 7.03 -20.94
N TYR A 76 -11.08 7.85 -20.84
CA TYR A 76 -12.34 7.58 -21.53
C TYR A 76 -12.25 7.69 -23.07
N THR A 77 -11.30 8.49 -23.55
CA THR A 77 -10.99 8.57 -24.97
C THR A 77 -10.48 7.23 -25.51
N LEU A 78 -9.60 6.57 -24.76
CA LEU A 78 -9.02 5.31 -25.20
C LEU A 78 -10.02 4.16 -25.09
N ILE A 79 -10.81 4.13 -24.02
CA ILE A 79 -11.83 3.12 -23.78
C ILE A 79 -13.19 3.81 -23.65
N PRO A 80 -13.97 3.87 -24.76
CA PRO A 80 -15.32 4.47 -24.76
C PRO A 80 -16.30 3.82 -23.79
N HIS A 81 -17.03 4.64 -23.03
CA HIS A 81 -18.05 4.14 -22.10
C HIS A 81 -19.44 4.59 -22.55
N ASP A 82 -20.45 3.81 -22.20
CA ASP A 82 -21.82 4.05 -22.63
C ASP A 82 -22.51 5.04 -21.68
N PHE A 83 -22.26 6.32 -21.92
CA PHE A 83 -22.88 7.40 -21.13
C PHE A 83 -23.66 8.45 -21.98
N GLY A 84 -23.86 8.21 -23.27
CA GLY A 84 -24.66 9.10 -24.12
C GLY A 84 -24.02 10.46 -24.36
N MET A 85 -24.76 11.53 -24.02
CA MET A 85 -24.19 12.90 -23.93
C MET A 85 -23.82 13.27 -22.49
N LYS A 86 -23.61 12.23 -21.69
CA LYS A 86 -22.60 12.12 -20.62
C LYS A 86 -22.22 13.34 -19.76
N LYS A 87 -20.98 13.83 -19.90
CA LYS A 87 -20.11 14.18 -18.76
C LYS A 87 -19.98 12.93 -17.87
N PRO A 88 -18.99 12.04 -18.17
CA PRO A 88 -18.87 10.79 -17.42
C PRO A 88 -18.35 11.00 -15.99
N PRO A 89 -18.41 9.96 -15.15
CA PRO A 89 -17.93 10.11 -13.77
C PRO A 89 -16.41 10.28 -13.68
N LEU A 90 -15.99 11.06 -12.68
CA LEU A 90 -14.60 11.44 -12.51
C LEU A 90 -13.79 10.31 -11.86
N LEU A 91 -12.59 10.05 -12.36
CA LEU A 91 -11.70 9.01 -11.82
C LEU A 91 -10.66 9.67 -10.90
N ASN A 92 -10.98 9.75 -9.60
CA ASN A 92 -10.21 10.59 -8.66
C ASN A 92 -9.78 9.92 -7.35
N ASN A 93 -9.80 8.59 -7.30
CA ASN A 93 -9.45 7.85 -6.07
C ASN A 93 -8.85 6.47 -6.35
N ALA A 94 -8.34 5.83 -5.31
CA ALA A 94 -7.74 4.50 -5.39
C ALA A 94 -8.74 3.41 -5.82
N ASP A 95 -10.00 3.57 -5.43
CA ASP A 95 -11.04 2.60 -5.79
C ASP A 95 -11.29 2.61 -7.30
N SER A 96 -11.51 3.80 -7.85
CA SER A 96 -11.72 3.97 -9.30
C SER A 96 -10.57 3.42 -10.13
N VAL A 97 -9.34 3.60 -9.66
CA VAL A 97 -8.15 3.02 -10.29
C VAL A 97 -8.22 1.48 -10.30
N GLN A 98 -8.57 0.88 -9.15
CA GLN A 98 -8.71 -0.58 -9.04
C GLN A 98 -9.86 -1.13 -9.89
N ALA A 99 -10.96 -0.39 -9.96
CA ALA A 99 -12.15 -0.81 -10.72
C ALA A 99 -11.89 -0.85 -12.22
N LYS A 100 -11.18 0.16 -12.74
CA LYS A 100 -10.83 0.21 -14.15
C LYS A 100 -9.67 -0.73 -14.49
N ALA A 101 -8.77 -0.95 -13.54
CA ALA A 101 -7.71 -1.94 -13.72
C ALA A 101 -8.28 -3.37 -13.82
N GLU A 102 -9.33 -3.64 -13.06
CA GLU A 102 -10.03 -4.93 -13.13
C GLU A 102 -10.72 -5.11 -14.48
N MET A 103 -11.28 -4.03 -15.02
CA MET A 103 -11.91 -4.05 -16.34
C MET A 103 -10.86 -4.37 -17.42
N LEU A 104 -9.75 -3.66 -17.38
CA LEU A 104 -8.68 -3.86 -18.38
C LEU A 104 -8.05 -5.26 -18.29
N ASP A 105 -7.96 -5.84 -17.08
CA ASP A 105 -7.57 -7.25 -16.93
C ASP A 105 -8.52 -8.15 -17.69
N ASN A 106 -9.82 -7.91 -17.53
CA ASN A 106 -10.85 -8.70 -18.18
C ASN A 106 -10.89 -8.50 -19.69
N LEU A 107 -10.69 -7.26 -20.15
CA LEU A 107 -10.59 -6.97 -21.59
C LEU A 107 -9.43 -7.69 -22.26
N LEU A 108 -8.28 -7.72 -21.59
CA LEU A 108 -7.10 -8.47 -22.10
C LEU A 108 -7.42 -9.94 -22.40
N ASP A 109 -8.10 -10.61 -21.47
CA ASP A 109 -8.46 -12.02 -21.65
C ASP A 109 -9.56 -12.22 -22.70
N ILE A 110 -10.45 -11.24 -22.84
CA ILE A 110 -11.47 -11.28 -23.88
C ILE A 110 -10.87 -11.12 -25.29
N GLU A 111 -9.96 -10.15 -25.47
CA GLU A 111 -9.26 -9.97 -26.75
C GLU A 111 -8.60 -11.28 -27.20
N VAL A 112 -7.91 -11.96 -26.28
CA VAL A 112 -7.24 -13.23 -26.58
C VAL A 112 -8.23 -14.27 -27.07
N ALA A 113 -9.36 -14.40 -26.36
CA ALA A 113 -10.42 -15.38 -26.68
C ALA A 113 -11.02 -15.10 -28.05
N TYR A 114 -11.39 -13.84 -28.26
CA TYR A 114 -11.96 -13.42 -29.54
C TYR A 114 -10.97 -13.56 -30.70
N SER A 115 -9.69 -13.26 -30.46
CA SER A 115 -8.65 -13.39 -31.48
C SER A 115 -8.41 -14.83 -31.92
N LEU A 116 -8.46 -15.77 -30.99
CA LEU A 116 -8.47 -17.21 -31.33
C LEU A 116 -9.67 -17.56 -32.20
N LEU A 117 -10.82 -17.00 -31.83
CA LEU A 117 -12.08 -17.25 -32.52
C LEU A 117 -12.02 -16.78 -33.98
N ARG A 118 -11.50 -15.57 -34.21
CA ARG A 118 -11.39 -15.02 -35.57
C ARG A 118 -10.06 -15.32 -36.29
N GLY A 119 -9.09 -15.88 -35.58
CA GLY A 119 -7.87 -16.38 -36.20
C GLY A 119 -8.09 -17.79 -36.69
N GLY A 120 -7.10 -18.33 -37.38
CA GLY A 120 -7.14 -19.71 -37.84
C GLY A 120 -8.11 -20.01 -38.98
N SER A 121 -8.37 -21.29 -39.21
CA SER A 121 -9.06 -21.76 -40.40
C SER A 121 -10.55 -22.04 -40.21
N ASP A 122 -11.26 -22.12 -41.33
CA ASP A 122 -12.70 -22.34 -41.39
C ASP A 122 -12.97 -23.63 -42.18
N ASP A 123 -13.56 -24.62 -41.51
CA ASP A 123 -13.80 -25.95 -42.10
C ASP A 123 -15.19 -26.46 -41.65
N SER A 124 -16.17 -26.37 -42.56
CA SER A 124 -17.54 -26.83 -42.31
C SER A 124 -17.68 -28.34 -42.07
N SER A 125 -16.72 -29.14 -42.53
CA SER A 125 -16.72 -30.58 -42.28
C SER A 125 -16.40 -30.94 -40.82
N LYS A 126 -15.65 -30.08 -40.13
CA LYS A 126 -15.32 -30.27 -38.70
C LYS A 126 -16.36 -29.60 -37.81
N ASP A 127 -16.58 -30.20 -36.64
CA ASP A 127 -17.46 -29.63 -35.61
C ASP A 127 -16.72 -28.43 -34.99
N PRO A 128 -17.35 -27.22 -35.01
CA PRO A 128 -16.75 -26.04 -34.35
C PRO A 128 -16.24 -26.27 -32.91
N ILE A 129 -16.89 -27.18 -32.19
CA ILE A 129 -16.51 -27.54 -30.83
C ILE A 129 -15.08 -28.09 -30.82
N ASP A 130 -14.82 -29.09 -31.66
CA ASP A 130 -13.48 -29.69 -31.81
C ASP A 130 -12.44 -28.68 -32.28
N VAL A 131 -12.84 -27.82 -33.21
CA VAL A 131 -11.94 -26.82 -33.78
C VAL A 131 -11.48 -25.88 -32.67
N ASN A 132 -12.44 -25.35 -31.93
CA ASN A 132 -12.17 -24.46 -30.81
C ASN A 132 -11.43 -25.15 -29.67
N TYR A 133 -11.72 -26.43 -29.44
CA TYR A 133 -10.95 -27.22 -28.47
C TYR A 133 -9.45 -27.27 -28.82
N GLU A 134 -9.12 -27.40 -30.11
CA GLU A 134 -7.70 -27.44 -30.53
C GLU A 134 -6.97 -26.13 -30.25
N LYS A 135 -7.69 -25.01 -30.34
CA LYS A 135 -7.10 -23.69 -30.14
C LYS A 135 -6.63 -23.43 -28.70
N LEU A 136 -7.23 -24.12 -27.74
CA LEU A 136 -6.84 -24.01 -26.33
C LEU A 136 -5.50 -24.65 -26.00
N LYS A 137 -5.01 -25.55 -26.87
CA LYS A 137 -3.73 -26.25 -26.68
C LYS A 137 -3.63 -26.83 -25.26
N THR A 138 -4.72 -27.47 -24.85
CA THR A 138 -4.91 -27.96 -23.50
C THR A 138 -5.65 -29.28 -23.60
N ASP A 139 -5.11 -30.31 -22.94
CA ASP A 139 -5.77 -31.62 -22.83
C ASP A 139 -6.75 -31.55 -21.66
N ILE A 140 -8.03 -31.74 -21.95
CA ILE A 140 -9.09 -31.73 -20.92
C ILE A 140 -9.70 -33.11 -20.88
N LYS A 141 -9.70 -33.72 -19.70
CA LYS A 141 -10.30 -35.04 -19.48
C LYS A 141 -11.26 -34.96 -18.30
N VAL A 142 -12.43 -35.58 -18.43
CA VAL A 142 -13.43 -35.61 -17.35
C VAL A 142 -12.95 -36.54 -16.25
N VAL A 143 -12.84 -36.01 -15.03
CA VAL A 143 -12.52 -36.80 -13.84
C VAL A 143 -13.77 -37.57 -13.42
N ASP A 144 -13.60 -38.86 -13.13
CA ASP A 144 -14.72 -39.74 -12.74
C ASP A 144 -15.17 -39.41 -11.32
N ARG A 145 -16.48 -39.43 -11.09
CA ARG A 145 -17.07 -39.02 -9.80
C ARG A 145 -16.74 -39.92 -8.62
N ASP A 146 -16.50 -41.21 -8.88
CA ASP A 146 -16.19 -42.19 -7.83
C ASP A 146 -14.69 -42.31 -7.47
N SER A 147 -13.81 -41.71 -8.27
CA SER A 147 -12.37 -41.78 -8.02
C SER A 147 -11.96 -41.07 -6.74
N GLU A 148 -10.74 -41.36 -6.28
CA GLU A 148 -10.21 -40.78 -5.04
C GLU A 148 -9.88 -39.30 -5.20
N GLU A 149 -9.32 -38.93 -6.36
CA GLU A 149 -9.01 -37.53 -6.65
C GLU A 149 -10.26 -36.64 -6.67
N ALA A 150 -11.39 -37.18 -7.14
CA ALA A 150 -12.68 -36.50 -7.07
C ALA A 150 -13.19 -36.33 -5.64
N GLU A 151 -13.04 -37.38 -4.82
CA GLU A 151 -13.46 -37.34 -3.40
C GLU A 151 -12.74 -36.28 -2.57
N ILE A 152 -11.44 -36.13 -2.84
CA ILE A 152 -10.61 -35.10 -2.20
C ILE A 152 -11.06 -33.71 -2.64
N ILE A 153 -11.26 -33.53 -3.95
CA ILE A 153 -11.64 -32.24 -4.51
C ILE A 153 -13.00 -31.79 -3.98
N ARG A 154 -13.98 -32.70 -3.96
CA ARG A 154 -15.31 -32.40 -3.42
C ARG A 154 -15.25 -32.08 -1.91
N LYS A 155 -14.36 -32.74 -1.18
CA LYS A 155 -14.12 -32.45 0.23
C LYS A 155 -13.44 -31.10 0.46
N TYR A 156 -12.59 -30.69 -0.48
CA TYR A 156 -11.97 -29.35 -0.47
C TYR A 156 -13.03 -28.26 -0.65
N VAL A 157 -13.99 -28.52 -1.54
CA VAL A 157 -15.13 -27.61 -1.80
C VAL A 157 -16.09 -27.60 -0.61
N LYS A 158 -16.37 -28.78 -0.08
CA LYS A 158 -17.29 -28.95 1.05
C LYS A 158 -16.77 -28.26 2.31
N ASN A 159 -15.49 -28.47 2.63
CA ASN A 159 -14.90 -28.00 3.90
C ASN A 159 -14.49 -26.54 3.96
N THR A 160 -14.27 -25.90 2.81
CA THR A 160 -13.66 -24.55 2.81
C THR A 160 -14.58 -23.44 2.28
N HIS A 161 -15.88 -23.58 2.54
CA HIS A 161 -16.85 -22.54 2.27
C HIS A 161 -16.98 -21.68 3.53
N ALA A 162 -16.69 -20.39 3.43
CA ALA A 162 -16.63 -19.51 4.61
C ALA A 162 -18.03 -19.11 5.06
N THR A 163 -18.21 -18.98 6.37
CA THR A 163 -19.49 -18.54 6.95
C THR A 163 -19.93 -17.17 6.41
N THR A 164 -18.98 -16.27 6.20
CA THR A 164 -19.29 -14.94 5.63
C THR A 164 -19.64 -14.95 4.12
N HIS A 165 -19.50 -16.10 3.46
CA HIS A 165 -19.93 -16.28 2.07
C HIS A 165 -21.10 -17.27 1.97
N ASN A 166 -22.03 -17.22 2.94
CA ASN A 166 -23.16 -18.16 3.02
C ASN A 166 -24.42 -17.73 2.26
N ALA A 167 -24.34 -16.66 1.46
CA ALA A 167 -25.42 -16.27 0.54
C ALA A 167 -25.70 -17.31 -0.56
N TYR A 168 -24.73 -18.21 -0.80
CA TYR A 168 -24.90 -19.31 -1.74
C TYR A 168 -24.25 -20.59 -1.19
N ASP A 169 -24.64 -21.73 -1.77
CA ASP A 169 -23.76 -22.93 -1.75
C ASP A 169 -23.41 -23.32 -3.17
N LEU A 170 -22.51 -24.29 -3.28
CA LEU A 170 -21.92 -24.72 -4.52
C LEU A 170 -22.17 -26.21 -4.75
N GLU A 171 -22.63 -26.54 -5.96
CA GLU A 171 -22.62 -27.92 -6.44
C GLU A 171 -21.48 -28.05 -7.43
N VAL A 172 -20.65 -29.07 -7.24
CA VAL A 172 -19.67 -29.47 -8.24
C VAL A 172 -20.46 -30.19 -9.31
N ILE A 173 -20.57 -29.59 -10.49
CA ILE A 173 -21.27 -30.21 -11.62
C ILE A 173 -20.31 -31.17 -12.35
N ASP A 174 -19.18 -30.63 -12.81
CA ASP A 174 -18.16 -31.42 -13.51
C ASP A 174 -16.80 -31.09 -12.93
N ILE A 175 -15.94 -32.12 -12.84
CA ILE A 175 -14.53 -31.94 -12.52
C ILE A 175 -13.73 -32.36 -13.76
N PHE A 176 -12.88 -31.46 -14.25
CA PHE A 176 -11.99 -31.72 -15.39
C PHE A 176 -10.54 -31.75 -14.93
N LYS A 177 -9.79 -32.72 -15.42
CA LYS A 177 -8.33 -32.79 -15.26
C LYS A 177 -7.75 -32.10 -16.47
N ILE A 178 -6.94 -31.07 -16.25
CA ILE A 178 -6.41 -30.23 -17.34
C ILE A 178 -4.88 -30.19 -17.36
N GLU A 179 -4.33 -30.17 -18.56
CA GLU A 179 -2.90 -30.23 -18.77
C GLU A 179 -2.55 -29.32 -19.94
N ARG A 180 -2.09 -28.11 -19.62
CA ARG A 180 -1.71 -27.15 -20.65
C ARG A 180 -0.41 -27.57 -21.30
N GLU A 181 -0.33 -27.34 -22.61
CA GLU A 181 0.78 -27.83 -23.42
C GLU A 181 2.06 -27.09 -23.04
N GLY A 182 3.05 -27.86 -22.58
CA GLY A 182 4.37 -27.32 -22.20
C GLY A 182 4.46 -26.66 -20.84
N GLU A 183 3.40 -26.75 -20.02
CA GLU A 183 3.39 -26.12 -18.70
C GLU A 183 4.19 -26.94 -17.68
N CYS A 184 4.05 -28.26 -17.74
CA CYS A 184 4.90 -29.17 -16.94
C CYS A 184 6.40 -28.93 -17.18
N GLN A 185 6.75 -28.68 -18.45
CA GLN A 185 8.12 -28.33 -18.82
C GLN A 185 8.53 -26.95 -18.27
N ARG A 186 7.60 -26.01 -18.24
CA ARG A 186 7.83 -24.69 -17.62
C ARG A 186 7.96 -24.78 -16.08
N TYR A 187 7.18 -25.66 -15.47
CA TYR A 187 7.14 -25.84 -14.01
C TYR A 187 8.36 -26.59 -13.44
N LYS A 188 9.10 -27.32 -14.30
CA LYS A 188 10.14 -28.25 -13.87
C LYS A 188 11.12 -27.74 -12.79
N PRO A 189 11.64 -26.50 -12.92
CA PRO A 189 12.49 -25.91 -11.87
C PRO A 189 11.88 -25.82 -10.48
N PHE A 190 10.55 -25.72 -10.39
CA PHE A 190 9.85 -25.60 -9.11
C PHE A 190 9.18 -26.89 -8.63
N LYS A 191 9.28 -27.99 -9.40
CA LYS A 191 8.47 -29.18 -9.14
C LYS A 191 8.76 -29.90 -7.82
N GLN A 192 10.03 -29.87 -7.39
CA GLN A 192 10.46 -30.45 -6.12
C GLN A 192 10.65 -29.39 -5.03
N LEU A 193 10.23 -28.15 -5.30
CA LEU A 193 10.39 -27.05 -4.33
C LEU A 193 9.46 -27.27 -3.16
N HIS A 194 9.90 -26.92 -1.96
CA HIS A 194 9.10 -27.14 -0.75
C HIS A 194 7.91 -26.19 -0.72
N ASN A 195 6.92 -26.52 0.11
CA ASN A 195 5.68 -25.75 0.26
C ASN A 195 4.95 -25.54 -1.09
N ARG A 196 4.71 -26.66 -1.77
CA ARG A 196 3.82 -26.70 -2.92
C ARG A 196 2.40 -26.98 -2.43
N ARG A 197 1.43 -26.22 -2.93
CA ARG A 197 0.06 -26.29 -2.41
C ARG A 197 -0.97 -26.19 -3.54
N LEU A 198 -2.05 -26.95 -3.39
CA LEU A 198 -3.13 -26.98 -4.35
C LEU A 198 -4.14 -25.91 -3.94
N LEU A 199 -4.23 -24.85 -4.75
CA LEU A 199 -4.98 -23.66 -4.38
C LEU A 199 -5.97 -23.22 -5.44
N TRP A 200 -7.02 -22.54 -4.99
CA TRP A 200 -8.13 -22.12 -5.83
C TRP A 200 -7.79 -20.84 -6.57
N HIS A 201 -8.24 -20.75 -7.82
CA HIS A 201 -8.29 -19.49 -8.54
C HIS A 201 -9.61 -19.40 -9.30
N GLY A 202 -10.45 -18.45 -8.91
CA GLY A 202 -11.73 -18.21 -9.56
C GLY A 202 -11.63 -17.01 -10.48
N SER A 203 -12.38 -17.05 -11.58
CA SER A 203 -12.37 -16.00 -12.58
C SER A 203 -13.67 -16.08 -13.35
N ARG A 204 -14.06 -14.99 -14.01
CA ARG A 204 -15.27 -15.05 -14.82
C ARG A 204 -15.02 -15.93 -16.03
N THR A 205 -16.08 -16.55 -16.54
CA THR A 205 -15.96 -17.61 -17.55
C THR A 205 -15.40 -17.06 -18.87
N THR A 206 -15.69 -15.79 -19.15
CA THR A 206 -15.13 -15.07 -20.29
C THR A 206 -13.61 -14.85 -20.26
N ASN A 207 -12.93 -15.21 -19.17
CA ASN A 207 -11.46 -15.20 -19.11
C ASN A 207 -10.79 -16.55 -19.39
N PHE A 208 -11.55 -17.63 -19.35
CA PHE A 208 -10.95 -18.98 -19.33
C PHE A 208 -10.30 -19.45 -20.62
N ALA A 209 -10.76 -18.95 -21.77
CA ALA A 209 -10.13 -19.28 -23.05
C ALA A 209 -8.70 -18.74 -23.07
N GLY A 210 -8.54 -17.51 -22.61
CA GLY A 210 -7.22 -16.89 -22.46
C GLY A 210 -6.37 -17.59 -21.42
N ILE A 211 -6.97 -17.96 -20.30
CA ILE A 211 -6.27 -18.67 -19.23
C ILE A 211 -5.80 -20.05 -19.70
N LEU A 212 -6.67 -20.81 -20.35
CA LEU A 212 -6.29 -22.14 -20.83
C LEU A 212 -5.34 -22.07 -22.03
N SER A 213 -5.44 -21.04 -22.86
CA SER A 213 -4.47 -20.89 -23.96
C SER A 213 -3.13 -20.35 -23.45
N GLN A 214 -3.14 -19.24 -22.72
CA GLN A 214 -1.91 -18.56 -22.26
C GLN A 214 -1.37 -19.02 -20.91
N GLY A 215 -2.21 -19.67 -20.10
CA GLY A 215 -1.92 -19.86 -18.67
C GLY A 215 -2.35 -18.63 -17.89
N LEU A 216 -2.30 -18.74 -16.57
CA LEU A 216 -2.50 -17.58 -15.69
C LEU A 216 -1.29 -16.66 -15.86
N ARG A 217 -1.57 -15.41 -16.24
CA ARG A 217 -0.53 -14.43 -16.52
C ARG A 217 -0.52 -13.34 -15.45
N ILE A 218 0.57 -12.59 -15.42
CA ILE A 218 0.71 -11.42 -14.57
C ILE A 218 0.22 -10.21 -15.35
N ALA A 219 -0.32 -9.20 -14.66
CA ALA A 219 -0.73 -7.96 -15.31
C ALA A 219 0.52 -7.27 -15.87
N PRO A 220 0.42 -6.68 -17.07
CA PRO A 220 1.61 -6.17 -17.78
C PRO A 220 2.29 -4.97 -17.11
N PRO A 221 3.47 -4.54 -17.62
CA PRO A 221 4.19 -3.37 -17.10
C PRO A 221 3.37 -2.08 -17.02
N GLU A 222 2.57 -1.83 -18.05
CA GLU A 222 1.74 -0.61 -18.13
C GLU A 222 0.69 -0.47 -17.02
N ALA A 223 0.24 -1.61 -16.47
CA ALA A 223 -0.81 -1.61 -15.45
C ALA A 223 -0.34 -0.99 -14.12
N PRO A 224 -1.23 -0.26 -13.43
CA PRO A 224 -0.86 0.39 -12.17
C PRO A 224 -0.75 -0.59 -11.00
N VAL A 225 0.47 -0.74 -10.47
CA VAL A 225 0.73 -1.66 -9.34
C VAL A 225 -0.07 -1.33 -8.05
N THR A 226 -0.52 -0.08 -7.92
CA THR A 226 -1.44 0.35 -6.85
C THR A 226 -2.85 -0.25 -6.99
N GLY A 227 -3.21 -0.69 -8.19
CA GLY A 227 -4.48 -1.37 -8.42
C GLY A 227 -4.60 -2.81 -7.90
N TYR A 228 -3.53 -3.35 -7.32
CA TYR A 228 -3.48 -4.73 -6.82
C TYR A 228 -2.89 -4.73 -5.40
N MET A 229 -3.55 -5.42 -4.48
CA MET A 229 -3.23 -5.36 -3.04
C MET A 229 -1.80 -5.77 -2.68
N PHE A 230 -1.30 -6.83 -3.30
CA PHE A 230 0.06 -7.30 -3.10
C PHE A 230 0.89 -7.25 -4.39
N GLY A 231 0.68 -6.19 -5.18
CA GLY A 231 1.40 -6.00 -6.44
C GLY A 231 0.92 -6.93 -7.54
N LYS A 232 1.66 -6.91 -8.65
CA LYS A 232 1.29 -7.66 -9.86
C LYS A 232 1.87 -9.07 -9.85
N GLY A 233 1.12 -9.99 -9.24
CA GLY A 233 1.41 -11.42 -9.28
C GLY A 233 0.15 -12.21 -9.65
N ILE A 234 0.18 -13.52 -9.38
CA ILE A 234 -0.97 -14.40 -9.63
C ILE A 234 -1.53 -14.83 -8.27
N TYR A 235 -2.83 -14.58 -8.06
CA TYR A 235 -3.45 -14.65 -6.73
C TYR A 235 -4.26 -15.95 -6.56
N PHE A 236 -4.06 -16.62 -5.42
CA PHE A 236 -4.78 -17.86 -5.08
C PHE A 236 -5.33 -17.81 -3.66
N ALA A 237 -6.40 -18.57 -3.41
CA ALA A 237 -6.96 -18.72 -2.05
C ALA A 237 -6.99 -20.19 -1.66
N ASP A 238 -7.02 -20.45 -0.34
CA ASP A 238 -7.24 -21.80 0.21
C ASP A 238 -8.70 -22.07 0.61
N MET A 239 -9.54 -21.03 0.58
CA MET A 239 -10.98 -21.19 0.83
C MET A 239 -11.71 -21.09 -0.50
N VAL A 240 -12.53 -22.09 -0.84
CA VAL A 240 -13.20 -22.15 -2.14
C VAL A 240 -14.15 -20.98 -2.41
N SER A 241 -14.83 -20.51 -1.36
CA SER A 241 -15.83 -19.45 -1.52
C SER A 241 -15.15 -18.13 -1.87
N LYS A 242 -13.96 -17.90 -1.31
CA LYS A 242 -13.17 -16.69 -1.61
C LYS A 242 -12.89 -16.58 -3.09
N SER A 243 -12.37 -17.64 -3.68
CA SER A 243 -12.15 -17.70 -5.14
C SER A 243 -13.48 -17.74 -5.92
N ALA A 244 -14.47 -18.46 -5.39
CA ALA A 244 -15.80 -18.54 -6.05
C ALA A 244 -16.47 -17.17 -6.24
N ASN A 245 -16.28 -16.26 -5.30
CA ASN A 245 -16.79 -14.89 -5.43
C ASN A 245 -16.29 -14.17 -6.68
N TYR A 246 -15.05 -14.47 -7.08
CA TYR A 246 -14.45 -13.88 -8.30
C TYR A 246 -14.96 -14.46 -9.64
N CYS A 247 -15.84 -15.46 -9.59
CA CYS A 247 -16.59 -15.89 -10.77
C CYS A 247 -17.59 -14.85 -11.27
N HIS A 248 -18.10 -14.01 -10.37
CA HIS A 248 -19.11 -13.00 -10.69
C HIS A 248 -20.35 -13.63 -11.31
N THR A 249 -20.78 -14.74 -10.71
CA THR A 249 -22.05 -15.37 -11.04
C THR A 249 -23.17 -14.58 -10.38
N SER A 250 -24.41 -14.92 -10.74
CA SER A 250 -25.59 -14.24 -10.24
C SER A 250 -26.81 -15.12 -10.44
N GLN A 251 -27.97 -14.63 -10.02
CA GLN A 251 -29.22 -15.38 -10.17
C GLN A 251 -29.55 -15.61 -11.65
N GLY A 252 -29.27 -14.60 -12.48
CA GLY A 252 -29.40 -14.73 -13.93
C GLY A 252 -28.19 -15.27 -14.68
N ASP A 253 -27.20 -15.81 -13.96
CA ASP A 253 -25.98 -16.37 -14.55
C ASP A 253 -25.24 -17.22 -13.51
N PRO A 254 -25.87 -18.29 -13.00
CA PRO A 254 -25.37 -19.02 -11.82
C PRO A 254 -24.33 -20.13 -12.03
N ILE A 255 -23.88 -20.38 -13.26
CA ILE A 255 -22.85 -21.38 -13.53
C ILE A 255 -21.49 -20.70 -13.63
N GLY A 256 -20.53 -21.14 -12.80
CA GLY A 256 -19.16 -20.60 -12.82
C GLY A 256 -18.07 -21.64 -13.02
N LEU A 257 -16.84 -21.15 -13.19
CA LEU A 257 -15.65 -21.96 -13.39
C LEU A 257 -14.53 -21.54 -12.43
N ILE A 258 -13.84 -22.53 -11.88
CA ILE A 258 -12.79 -22.29 -10.89
C ILE A 258 -11.67 -23.33 -11.10
N LEU A 259 -10.43 -22.86 -10.95
CA LEU A 259 -9.25 -23.70 -11.12
C LEU A 259 -8.72 -24.24 -9.80
N LEU A 260 -8.04 -25.38 -9.88
CA LEU A 260 -7.12 -25.84 -8.85
C LEU A 260 -5.76 -25.91 -9.48
N GLY A 261 -4.80 -25.15 -8.95
CA GLY A 261 -3.44 -25.14 -9.45
C GLY A 261 -2.46 -25.57 -8.40
N GLU A 262 -1.37 -26.22 -8.83
CA GLU A 262 -0.24 -26.51 -7.97
C GLU A 262 0.64 -25.27 -7.96
N VAL A 263 0.82 -24.69 -6.78
CA VAL A 263 1.50 -23.40 -6.64
C VAL A 263 2.75 -23.59 -5.77
N ALA A 264 3.91 -23.29 -6.32
CA ALA A 264 5.18 -23.41 -5.62
C ALA A 264 5.41 -22.15 -4.78
N LEU A 265 4.92 -22.20 -3.55
CA LEU A 265 4.99 -21.05 -2.65
C LEU A 265 6.39 -20.90 -2.07
N GLY A 266 7.00 -22.02 -1.66
CA GLY A 266 8.33 -22.00 -1.08
C GLY A 266 8.38 -21.20 0.21
N ASN A 267 9.23 -20.17 0.23
CA ASN A 267 9.51 -19.38 1.41
C ASN A 267 8.60 -18.15 1.31
N MET A 268 7.55 -18.15 2.13
CA MET A 268 6.46 -17.19 2.01
C MET A 268 6.77 -15.91 2.78
N TYR A 269 6.76 -14.78 2.07
CA TYR A 269 6.84 -13.45 2.69
C TYR A 269 5.45 -13.07 3.20
N GLU A 270 5.27 -13.15 4.52
CA GLU A 270 3.95 -13.07 5.13
C GLU A 270 3.61 -11.62 5.43
N LEU A 271 2.37 -11.20 5.08
CA LEU A 271 1.94 -9.81 5.19
C LEU A 271 0.50 -9.70 5.71
N LYS A 272 0.26 -8.65 6.50
CA LYS A 272 -1.05 -8.39 7.13
C LYS A 272 -1.87 -7.32 6.44
N HIS A 273 -1.20 -6.44 5.66
CA HIS A 273 -1.86 -5.29 5.03
C HIS A 273 -1.28 -5.07 3.66
N ALA A 274 -1.98 -4.27 2.86
CA ALA A 274 -1.60 -3.98 1.48
C ALA A 274 -0.14 -3.57 1.38
N SER A 275 0.51 -4.02 0.31
CA SER A 275 1.92 -3.76 0.09
C SER A 275 2.23 -3.93 -1.39
N HIS A 276 2.20 -2.82 -2.13
CA HIS A 276 2.19 -2.85 -3.60
C HIS A 276 3.59 -3.05 -4.18
N ILE A 277 4.16 -4.23 -3.93
CA ILE A 277 5.56 -4.52 -4.27
C ILE A 277 5.77 -4.79 -5.75
N SER A 278 6.95 -4.40 -6.23
CA SER A 278 7.40 -4.66 -7.61
C SER A 278 8.27 -5.92 -7.71
N LYS A 279 8.77 -6.40 -6.57
CA LYS A 279 9.57 -7.61 -6.50
C LYS A 279 9.68 -8.10 -5.06
N LEU A 280 9.86 -9.41 -4.88
CA LEU A 280 9.99 -9.99 -3.55
C LEU A 280 11.34 -9.65 -2.94
N PRO A 281 11.42 -9.67 -1.60
CA PRO A 281 12.74 -9.57 -0.97
C PRO A 281 13.56 -10.84 -1.19
N LYS A 282 14.89 -10.69 -1.23
CA LYS A 282 15.81 -11.78 -1.53
C LYS A 282 15.50 -13.07 -0.74
N GLY A 283 15.43 -14.19 -1.44
CA GLY A 283 15.19 -15.50 -0.84
C GLY A 283 13.73 -15.88 -0.59
N LYS A 284 12.79 -14.99 -0.93
CA LYS A 284 11.35 -15.28 -0.83
C LYS A 284 10.81 -15.65 -2.21
N HIS A 285 10.02 -16.71 -2.26
CA HIS A 285 9.44 -17.21 -3.51
C HIS A 285 7.97 -16.80 -3.73
N SER A 286 7.31 -16.33 -2.68
CA SER A 286 5.90 -15.91 -2.76
C SER A 286 5.53 -14.98 -1.61
N VAL A 287 4.37 -14.33 -1.73
CA VAL A 287 3.73 -13.60 -0.63
C VAL A 287 2.58 -14.45 -0.11
N LYS A 288 2.38 -14.44 1.20
CA LYS A 288 1.18 -14.99 1.83
C LYS A 288 0.46 -13.88 2.59
N GLY A 289 -0.72 -13.47 2.11
CA GLY A 289 -1.58 -12.54 2.83
C GLY A 289 -2.25 -13.27 3.98
N LEU A 290 -1.88 -12.92 5.21
CA LEU A 290 -2.32 -13.66 6.40
C LEU A 290 -3.77 -13.38 6.75
N GLY A 291 -4.60 -14.41 6.64
CA GLY A 291 -6.01 -14.32 6.98
C GLY A 291 -6.28 -14.49 8.46
N LYS A 292 -7.42 -13.96 8.92
CA LYS A 292 -7.89 -14.17 10.29
C LYS A 292 -8.28 -15.63 10.50
N THR A 293 -8.99 -16.20 9.52
CA THR A 293 -9.35 -17.63 9.52
C THR A 293 -8.47 -18.40 8.52
N THR A 294 -8.09 -19.62 8.89
CA THR A 294 -7.25 -20.50 8.07
C THR A 294 -7.80 -21.93 8.09
N PRO A 295 -7.55 -22.74 7.03
CA PRO A 295 -7.89 -24.17 7.11
C PRO A 295 -7.02 -24.90 8.12
N ASP A 296 -7.61 -25.86 8.83
CA ASP A 296 -6.96 -26.55 9.94
C ASP A 296 -5.70 -27.32 9.49
N PRO A 297 -4.51 -26.88 9.93
CA PRO A 297 -3.23 -27.56 9.57
C PRO A 297 -3.13 -29.06 9.91
N SER A 298 -3.83 -29.52 10.94
CA SER A 298 -3.83 -30.94 11.30
C SER A 298 -4.52 -31.82 10.26
N ALA A 299 -5.46 -31.24 9.49
CA ALA A 299 -6.21 -31.96 8.46
C ALA A 299 -5.68 -31.81 7.02
N ASN A 300 -4.39 -31.49 6.86
CA ASN A 300 -3.76 -31.42 5.53
C ASN A 300 -3.62 -32.80 4.89
N ILE A 301 -4.15 -32.95 3.68
CA ILE A 301 -4.12 -34.21 2.92
C ILE A 301 -3.25 -33.99 1.67
N SER A 302 -2.60 -35.06 1.21
CA SER A 302 -1.74 -35.01 0.02
C SER A 302 -2.43 -35.67 -1.17
N LEU A 303 -2.37 -34.99 -2.32
CA LEU A 303 -2.87 -35.50 -3.60
C LEU A 303 -1.72 -35.46 -4.60
N ASP A 304 -1.22 -36.63 -5.01
CA ASP A 304 -0.06 -36.75 -5.91
C ASP A 304 1.15 -35.95 -5.39
N GLY A 305 1.45 -36.09 -4.09
CA GLY A 305 2.58 -35.41 -3.45
C GLY A 305 2.43 -33.91 -3.18
N VAL A 306 1.25 -33.35 -3.48
CA VAL A 306 0.98 -31.93 -3.32
C VAL A 306 0.04 -31.76 -2.14
N ASP A 307 0.34 -30.84 -1.22
CA ASP A 307 -0.54 -30.61 -0.07
C ASP A 307 -1.86 -29.96 -0.45
N VAL A 308 -2.94 -30.46 0.16
CA VAL A 308 -4.30 -29.98 -0.06
C VAL A 308 -4.83 -29.50 1.27
N PRO A 309 -4.87 -28.17 1.49
CA PRO A 309 -5.30 -27.63 2.78
C PRO A 309 -6.82 -27.58 2.90
N LEU A 310 -7.43 -28.76 3.06
CA LEU A 310 -8.90 -28.90 3.05
C LEU A 310 -9.55 -29.08 4.45
N GLY A 311 -8.83 -28.71 5.51
CA GLY A 311 -9.41 -28.69 6.86
C GLY A 311 -10.46 -27.59 6.97
N THR A 312 -11.34 -27.70 7.97
CA THR A 312 -12.34 -26.67 8.23
C THR A 312 -11.65 -25.41 8.75
N GLY A 313 -12.31 -24.28 8.55
CA GLY A 313 -11.79 -22.98 8.94
C GLY A 313 -11.66 -22.84 10.45
N ILE A 314 -10.46 -22.48 10.92
CA ILE A 314 -10.20 -22.18 12.33
C ILE A 314 -9.47 -20.84 12.47
N SER A 315 -9.34 -20.36 13.71
CA SER A 315 -8.63 -19.12 13.97
C SER A 315 -7.12 -19.31 13.72
N SER A 316 -6.54 -18.40 12.94
CA SER A 316 -5.08 -18.39 12.72
C SER A 316 -4.33 -17.77 13.90
N GLY A 317 -5.04 -16.98 14.73
CA GLY A 317 -4.41 -16.27 15.83
C GLY A 317 -3.59 -15.08 15.36
N VAL A 318 -4.01 -14.45 14.28
CA VAL A 318 -3.37 -13.25 13.74
C VAL A 318 -4.32 -12.09 13.99
N ASN A 319 -3.78 -11.00 14.56
CA ASN A 319 -4.59 -9.94 15.15
C ASN A 319 -4.97 -8.81 14.19
N ASP A 320 -4.01 -7.94 13.88
CA ASP A 320 -4.28 -6.73 13.12
C ASP A 320 -4.02 -7.00 11.65
N THR A 321 -4.95 -7.72 11.03
CA THR A 321 -4.85 -8.09 9.62
C THR A 321 -6.07 -7.62 8.83
N SER A 322 -5.81 -7.09 7.64
CA SER A 322 -6.86 -6.68 6.70
C SER A 322 -7.71 -7.84 6.21
N LEU A 323 -7.13 -9.04 6.14
CA LEU A 323 -7.76 -10.18 5.49
C LEU A 323 -8.50 -11.10 6.47
N LEU A 324 -9.75 -11.43 6.12
CA LEU A 324 -10.52 -12.46 6.81
C LEU A 324 -9.96 -13.85 6.53
N TYR A 325 -9.52 -14.08 5.29
CA TYR A 325 -9.06 -15.39 4.83
C TYR A 325 -7.74 -15.27 4.08
N ASN A 326 -7.01 -16.38 4.03
CA ASN A 326 -5.68 -16.41 3.43
C ASN A 326 -5.68 -16.06 1.95
N GLU A 327 -4.47 -15.79 1.45
CA GLU A 327 -4.27 -15.28 0.11
C GLU A 327 -2.82 -15.57 -0.25
N TYR A 328 -2.60 -16.07 -1.46
CA TYR A 328 -1.26 -16.51 -1.89
C TYR A 328 -0.94 -15.92 -3.24
N ILE A 329 0.26 -15.33 -3.37
CA ILE A 329 0.65 -14.63 -4.60
C ILE A 329 2.06 -15.03 -5.02
N VAL A 330 2.20 -15.48 -6.27
CA VAL A 330 3.51 -15.71 -6.88
C VAL A 330 3.75 -14.69 -7.98
N TYR A 331 5.02 -14.39 -8.26
CA TYR A 331 5.38 -13.33 -9.21
C TYR A 331 6.20 -13.84 -10.41
N ASP A 332 6.28 -15.16 -10.55
CA ASP A 332 6.86 -15.82 -11.72
C ASP A 332 5.78 -16.80 -12.19
N ILE A 333 5.38 -16.68 -13.45
CA ILE A 333 4.28 -17.50 -13.99
C ILE A 333 4.62 -19.00 -14.07
N ALA A 334 5.92 -19.29 -14.15
CA ALA A 334 6.42 -20.66 -14.09
C ALA A 334 6.25 -21.36 -12.73
N GLN A 335 5.92 -20.61 -11.67
CA GLN A 335 5.57 -21.22 -10.37
C GLN A 335 4.16 -21.83 -10.27
N VAL A 336 3.39 -21.77 -11.35
CA VAL A 336 2.02 -22.32 -11.39
C VAL A 336 1.92 -23.48 -12.39
N ASN A 337 1.35 -24.59 -11.93
CA ASN A 337 0.98 -25.69 -12.80
C ASN A 337 -0.51 -26.00 -12.58
N LEU A 338 -1.33 -25.70 -13.57
CA LEU A 338 -2.77 -25.87 -13.49
C LEU A 338 -3.10 -27.36 -13.58
N LYS A 339 -3.92 -27.83 -12.65
CA LYS A 339 -4.19 -29.25 -12.47
C LYS A 339 -5.65 -29.61 -12.72
N TYR A 340 -6.59 -28.88 -12.10
CA TYR A 340 -8.02 -29.12 -12.35
C TYR A 340 -8.82 -27.86 -12.72
N LEU A 341 -10.00 -28.12 -13.27
CA LEU A 341 -11.00 -27.11 -13.60
C LEU A 341 -12.35 -27.67 -13.19
N LEU A 342 -13.07 -26.94 -12.35
CA LEU A 342 -14.39 -27.36 -11.87
C LEU A 342 -15.46 -26.43 -12.44
N LYS A 343 -16.59 -27.01 -12.80
CA LYS A 343 -17.77 -26.26 -13.20
C LYS A 343 -18.73 -26.30 -12.04
N LEU A 344 -19.12 -25.12 -11.57
CA LEU A 344 -19.89 -24.99 -10.34
C LEU A 344 -21.25 -24.36 -10.60
N LYS A 345 -22.25 -24.87 -9.90
CA LYS A 345 -23.60 -24.35 -9.93
C LYS A 345 -23.79 -23.62 -8.60
N PHE A 346 -23.96 -22.30 -8.66
CA PHE A 346 -24.17 -21.46 -7.47
C PHE A 346 -25.65 -21.47 -7.11
N ASN A 347 -25.98 -22.05 -5.95
CA ASN A 347 -27.35 -22.02 -5.40
C ASN A 347 -27.52 -20.80 -4.48
N PHE A 348 -27.94 -19.68 -5.05
CA PHE A 348 -28.17 -18.45 -4.28
C PHE A 348 -29.44 -18.58 -3.45
N LYS A 349 -29.37 -18.15 -2.19
CA LYS A 349 -30.53 -18.16 -1.28
C LYS A 349 -31.00 -16.73 -0.94
N THR A 350 -30.82 -15.79 -1.87
CA THR A 350 -31.05 -14.37 -1.63
C THR A 350 -31.49 -13.66 -2.91
N LYS B 1 18.16 35.74 35.41
CA LYS B 1 18.19 36.34 34.06
C LYS B 1 18.85 35.49 32.95
N SER B 2 19.42 34.33 33.30
CA SER B 2 19.98 33.37 32.33
C SER B 2 21.20 33.87 31.55
N LYS B 3 22.17 32.97 31.35
CA LYS B 3 23.39 33.27 30.63
C LYS B 3 23.62 32.38 29.39
N LEU B 4 22.56 31.72 28.94
CA LEU B 4 22.59 30.91 27.71
C LEU B 4 22.76 31.83 26.51
N PRO B 5 23.42 31.35 25.43
CA PRO B 5 23.52 32.18 24.23
C PRO B 5 22.16 32.67 23.74
N LYS B 6 22.11 33.87 23.16
CA LYS B 6 20.84 34.49 22.72
C LYS B 6 20.05 33.62 21.74
N PRO B 7 20.74 32.99 20.76
CA PRO B 7 20.04 32.09 19.82
C PRO B 7 19.42 30.86 20.48
N VAL B 8 20.11 30.27 21.45
CA VAL B 8 19.58 29.16 22.25
C VAL B 8 18.39 29.64 23.10
N GLN B 9 18.47 30.84 23.65
CA GLN B 9 17.34 31.42 24.40
C GLN B 9 16.08 31.64 23.55
N ASP B 10 16.28 32.06 22.31
CA ASP B 10 15.18 32.20 21.35
C ASP B 10 14.61 30.86 20.87
N LEU B 11 15.44 29.83 20.87
CA LEU B 11 15.00 28.46 20.61
C LEU B 11 14.04 27.96 21.70
N ILE B 12 14.34 28.26 22.96
CA ILE B 12 13.46 27.88 24.08
C ILE B 12 12.12 28.64 24.02
N LYS B 13 12.16 29.92 23.67
CA LYS B 13 10.94 30.71 23.40
C LYS B 13 10.04 29.99 22.41
N MET B 14 10.59 29.68 21.24
CA MET B 14 9.86 29.06 20.14
C MET B 14 9.13 27.78 20.53
N ILE B 15 9.90 26.82 21.05
CA ILE B 15 9.39 25.47 21.26
C ILE B 15 8.40 25.33 22.42
N PHE B 16 8.58 26.13 23.47
CA PHE B 16 7.62 26.15 24.59
C PHE B 16 6.50 27.18 24.43
N ASP B 17 6.32 27.74 23.23
CA ASP B 17 5.26 28.72 22.99
C ASP B 17 3.87 28.09 23.04
N VAL B 18 3.12 28.44 24.08
CA VAL B 18 1.78 27.90 24.33
C VAL B 18 0.77 28.36 23.26
N GLU B 19 0.91 29.60 22.79
CA GLU B 19 0.03 30.12 21.74
C GLU B 19 0.22 29.45 20.38
N SER B 20 1.44 28.97 20.11
CA SER B 20 1.73 28.21 18.89
C SER B 20 1.02 26.87 18.91
N MET B 21 0.98 26.25 20.10
CA MET B 21 0.26 24.99 20.30
C MET B 21 -1.23 25.20 20.06
N LYS B 22 -1.79 26.22 20.71
CA LYS B 22 -3.17 26.65 20.49
C LYS B 22 -3.48 26.95 19.02
N LYS B 23 -2.56 27.64 18.34
CA LYS B 23 -2.73 28.00 16.94
C LYS B 23 -2.68 26.79 16.00
N ALA B 24 -1.88 25.78 16.34
CA ALA B 24 -1.80 24.53 15.58
C ALA B 24 -3.11 23.74 15.63
N MET B 25 -3.77 23.79 16.80
CA MET B 25 -5.07 23.15 17.00
C MET B 25 -6.20 23.78 16.18
N VAL B 26 -6.21 25.11 16.05
CA VAL B 26 -7.23 25.78 15.22
C VAL B 26 -7.02 25.55 13.72
N GLU B 27 -5.77 25.34 13.30
CA GLU B 27 -5.50 24.90 11.91
C GLU B 27 -6.17 23.56 11.59
N TYR B 28 -6.31 22.70 12.60
CA TYR B 28 -7.06 21.44 12.46
C TYR B 28 -8.58 21.57 12.68
N GLU B 29 -9.07 22.80 12.87
CA GLU B 29 -10.48 23.10 13.15
C GLU B 29 -11.01 22.35 14.38
N ILE B 30 -10.16 22.28 15.41
CA ILE B 30 -10.51 21.64 16.67
C ILE B 30 -11.18 22.67 17.59
N ASP B 31 -12.26 22.24 18.24
CA ASP B 31 -13.07 23.11 19.08
C ASP B 31 -12.35 23.35 20.42
N LEU B 32 -11.71 24.51 20.54
CA LEU B 32 -11.04 24.90 21.78
C LEU B 32 -12.00 25.21 22.94
N GLN B 33 -13.28 25.45 22.62
CA GLN B 33 -14.34 25.60 23.63
C GLN B 33 -14.54 24.27 24.37
N LYS B 34 -14.80 23.21 23.60
CA LYS B 34 -15.04 21.88 24.16
C LYS B 34 -13.74 21.11 24.46
N MET B 35 -12.71 21.32 23.66
CA MET B 35 -11.42 20.60 23.78
C MET B 35 -10.29 21.61 24.00
N PRO B 36 -10.16 22.16 25.23
CA PRO B 36 -9.06 23.07 25.53
C PRO B 36 -7.74 22.31 25.74
N LEU B 37 -6.63 23.03 25.57
CA LEU B 37 -5.27 22.47 25.66
C LEU B 37 -5.02 21.74 26.99
N GLY B 38 -5.60 22.25 28.08
CA GLY B 38 -5.50 21.62 29.39
C GLY B 38 -6.15 20.25 29.51
N LYS B 39 -7.31 20.05 28.88
CA LYS B 39 -8.05 18.77 28.94
C LYS B 39 -7.55 17.70 27.96
N LEU B 40 -6.78 18.11 26.94
CA LEU B 40 -6.17 17.21 25.97
C LEU B 40 -5.25 16.19 26.64
N SER B 41 -5.67 14.93 26.68
CA SER B 41 -4.88 13.87 27.34
C SER B 41 -4.38 12.82 26.33
N LYS B 42 -3.41 12.03 26.78
CA LYS B 42 -2.71 11.07 25.93
C LYS B 42 -3.63 9.94 25.52
N ARG B 43 -4.36 9.38 26.49
CA ARG B 43 -5.21 8.21 26.22
C ARG B 43 -6.55 8.53 25.50
N GLN B 44 -6.90 9.82 25.37
CA GLN B 44 -7.94 10.24 24.42
C GLN B 44 -7.45 10.11 22.99
N ILE B 45 -6.21 10.56 22.76
CA ILE B 45 -5.57 10.43 21.45
C ILE B 45 -5.39 8.94 21.07
N GLN B 46 -5.00 8.12 22.04
CA GLN B 46 -4.90 6.67 21.83
C GLN B 46 -6.25 6.07 21.49
N ALA B 47 -7.30 6.52 22.19
CA ALA B 47 -8.68 6.12 21.89
C ALA B 47 -9.08 6.54 20.47
N ALA B 48 -8.71 7.77 20.09
CA ALA B 48 -8.93 8.28 18.74
C ALA B 48 -8.19 7.47 17.68
N TYR B 49 -6.94 7.11 17.98
CA TYR B 49 -6.14 6.24 17.11
C TYR B 49 -6.83 4.88 16.87
N SER B 50 -7.41 4.31 17.92
CA SER B 50 -8.14 3.03 17.82
C SER B 50 -9.36 3.10 16.90
N ILE B 51 -10.09 4.22 16.95
CA ILE B 51 -11.25 4.43 16.07
C ILE B 51 -10.82 4.43 14.60
N LEU B 52 -9.76 5.17 14.31
CA LEU B 52 -9.10 5.16 13.00
C LEU B 52 -8.65 3.77 12.55
N SER B 53 -8.11 2.99 13.49
CA SER B 53 -7.77 1.59 13.25
C SER B 53 -9.00 0.73 12.98
N GLU B 54 -10.10 0.99 13.72
CA GLU B 54 -11.39 0.34 13.46
C GLU B 54 -11.95 0.70 12.08
N VAL B 55 -11.84 1.96 11.69
CA VAL B 55 -12.24 2.41 10.35
C VAL B 55 -11.42 1.65 9.31
N GLN B 56 -10.10 1.63 9.48
CA GLN B 56 -9.20 0.83 8.63
C GLN B 56 -9.69 -0.60 8.49
N GLN B 57 -9.97 -1.24 9.61
CA GLN B 57 -10.37 -2.66 9.65
C GLN B 57 -11.69 -2.91 8.90
N ALA B 58 -12.67 -2.02 9.12
CA ALA B 58 -13.96 -2.11 8.44
C ALA B 58 -13.87 -1.75 6.94
N VAL B 59 -13.01 -0.80 6.59
CA VAL B 59 -12.74 -0.45 5.17
C VAL B 59 -12.25 -1.66 4.37
N SER B 60 -11.52 -2.58 5.00
CA SER B 60 -11.05 -3.82 4.36
C SER B 60 -12.14 -4.90 4.30
N GLN B 61 -13.39 -4.52 4.03
CA GLN B 61 -14.54 -5.43 3.86
C GLN B 61 -15.81 -4.64 3.47
N GLY B 62 -15.70 -3.88 2.37
CA GLY B 62 -16.78 -3.04 1.85
C GLY B 62 -17.07 -3.32 0.39
N SER B 64 -18.76 -2.22 4.61
CA SER B 64 -20.08 -1.80 5.10
C SER B 64 -20.03 -0.37 5.66
N ASP B 65 -20.46 0.60 4.85
CA ASP B 65 -20.37 2.03 5.20
C ASP B 65 -21.22 2.46 6.38
N SER B 66 -22.35 1.81 6.61
CA SER B 66 -23.24 2.14 7.75
C SER B 66 -22.45 2.21 9.06
N GLN B 67 -21.58 1.22 9.24
CA GLN B 67 -20.70 1.15 10.41
C GLN B 67 -19.64 2.25 10.36
N ILE B 68 -19.05 2.45 9.19
CA ILE B 68 -18.02 3.48 8.95
C ILE B 68 -18.50 4.87 9.38
N LEU B 69 -19.75 5.22 9.08
CA LEU B 69 -20.32 6.50 9.51
C LEU B 69 -20.36 6.62 11.03
N ASP B 70 -20.81 5.57 11.70
CA ASP B 70 -20.91 5.55 13.17
C ASP B 70 -19.53 5.74 13.80
N LEU B 71 -18.52 5.08 13.24
CA LEU B 71 -17.14 5.23 13.68
C LEU B 71 -16.64 6.66 13.45
N SER B 72 -16.86 7.17 12.24
CA SER B 72 -16.54 8.55 11.89
C SER B 72 -17.19 9.53 12.85
N ASN B 73 -18.44 9.25 13.23
CA ASN B 73 -19.20 10.10 14.15
C ASN B 73 -18.65 10.10 15.58
N ARG B 74 -18.20 8.94 16.05
CA ARG B 74 -17.54 8.81 17.36
C ARG B 74 -16.23 9.58 17.41
N PHE B 75 -15.43 9.49 16.35
CA PHE B 75 -14.17 10.22 16.26
C PHE B 75 -14.35 11.72 16.50
N TYR B 76 -15.40 12.30 15.93
CA TYR B 76 -15.72 13.72 16.09
C TYR B 76 -16.39 14.05 17.42
N THR B 77 -16.95 13.05 18.09
CA THR B 77 -17.34 13.16 19.50
C THR B 77 -16.10 13.07 20.42
N LEU B 78 -15.17 12.18 20.08
CA LEU B 78 -13.91 12.02 20.83
C LEU B 78 -13.03 13.26 20.76
N ILE B 79 -12.78 13.71 19.53
CA ILE B 79 -12.01 14.91 19.26
C ILE B 79 -13.00 15.95 18.72
N PRO B 80 -13.52 16.84 19.60
CA PRO B 80 -14.51 17.82 19.15
C PRO B 80 -13.95 18.81 18.14
N HIS B 81 -14.60 18.92 16.98
CA HIS B 81 -14.19 19.86 15.93
C HIS B 81 -15.17 21.02 15.82
N ASP B 82 -14.81 22.02 15.03
CA ASP B 82 -15.60 23.24 14.87
C ASP B 82 -15.30 23.91 13.54
N PHE B 83 -16.24 23.78 12.60
CA PHE B 83 -16.20 24.52 11.34
C PHE B 83 -17.46 25.43 11.40
N GLY B 84 -17.62 26.11 12.52
CA GLY B 84 -18.92 26.64 12.96
C GLY B 84 -19.54 25.56 13.83
N MET B 85 -20.61 24.92 13.33
CA MET B 85 -20.87 23.51 13.65
C MET B 85 -21.04 22.73 12.33
N LYS B 86 -20.13 23.01 11.42
CA LYS B 86 -19.51 22.04 10.49
C LYS B 86 -20.27 21.42 9.30
N LYS B 87 -20.62 20.13 9.40
CA LYS B 87 -20.61 19.19 8.25
C LYS B 87 -19.14 18.89 7.87
N PRO B 88 -18.39 18.18 8.75
CA PRO B 88 -16.97 17.90 8.58
C PRO B 88 -16.69 16.69 7.67
N PRO B 89 -15.42 16.49 7.25
CA PRO B 89 -15.10 15.42 6.29
C PRO B 89 -15.31 14.01 6.85
N LEU B 90 -16.05 13.20 6.11
CA LEU B 90 -16.39 11.83 6.51
C LEU B 90 -15.17 10.90 6.40
N LEU B 91 -14.88 10.18 7.47
CA LEU B 91 -13.74 9.25 7.52
C LEU B 91 -14.17 7.88 7.01
N ASN B 92 -14.00 7.67 5.70
CA ASN B 92 -14.43 6.44 5.04
C ASN B 92 -13.53 5.98 3.88
N ASN B 93 -12.24 6.34 3.94
CA ASN B 93 -11.28 5.98 2.90
C ASN B 93 -9.85 6.12 3.39
N ALA B 94 -8.92 5.58 2.61
CA ALA B 94 -7.49 5.62 2.92
C ALA B 94 -7.00 7.04 3.21
N ASP B 95 -7.38 7.99 2.35
CA ASP B 95 -6.88 9.37 2.44
C ASP B 95 -7.30 10.11 3.71
N SER B 96 -8.57 9.99 4.10
CA SER B 96 -9.08 10.65 5.31
C SER B 96 -8.51 10.05 6.59
N VAL B 97 -8.28 8.74 6.60
CA VAL B 97 -7.62 8.05 7.72
C VAL B 97 -6.19 8.58 7.92
N GLN B 98 -5.46 8.69 6.81
CA GLN B 98 -4.09 9.24 6.82
C GLN B 98 -4.06 10.69 7.30
N ALA B 99 -5.05 11.48 6.89
CA ALA B 99 -5.18 12.89 7.30
C ALA B 99 -5.36 13.03 8.80
N LYS B 100 -6.29 12.26 9.37
CA LYS B 100 -6.55 12.30 10.81
C LYS B 100 -5.44 11.59 11.61
N ALA B 101 -4.85 10.54 11.03
CA ALA B 101 -3.64 9.92 11.61
C ALA B 101 -2.53 10.94 11.80
N GLU B 102 -2.33 11.79 10.79
CA GLU B 102 -1.31 12.83 10.85
C GLU B 102 -1.63 13.88 11.92
N MET B 103 -2.89 14.30 12.00
CA MET B 103 -3.33 15.23 13.04
C MET B 103 -3.00 14.69 14.43
N LEU B 104 -3.38 13.44 14.68
CA LEU B 104 -3.18 12.81 15.99
C LEU B 104 -1.71 12.69 16.39
N ASP B 105 -0.82 12.51 15.41
CA ASP B 105 0.63 12.58 15.68
C ASP B 105 1.00 13.93 16.27
N ASN B 106 0.53 14.98 15.60
CA ASN B 106 0.83 16.34 16.02
C ASN B 106 0.21 16.66 17.38
N LEU B 107 -1.04 16.24 17.59
CA LEU B 107 -1.71 16.41 18.88
C LEU B 107 -0.98 15.69 20.00
N LEU B 108 -0.49 14.48 19.72
CA LEU B 108 0.26 13.72 20.73
C LEU B 108 1.55 14.46 21.12
N ASP B 109 2.24 15.01 20.13
CA ASP B 109 3.47 15.79 20.38
C ASP B 109 3.17 17.09 21.12
N ILE B 110 2.07 17.74 20.76
CA ILE B 110 1.57 18.91 21.52
C ILE B 110 1.21 18.53 22.96
N GLU B 111 0.57 17.37 23.17
CA GLU B 111 0.27 16.89 24.52
C GLU B 111 1.54 16.67 25.34
N VAL B 112 2.59 16.13 24.70
CA VAL B 112 3.86 15.87 25.37
C VAL B 112 4.51 17.16 25.86
N ALA B 113 4.51 18.19 25.00
CA ALA B 113 5.10 19.49 25.31
C ALA B 113 4.45 20.20 26.50
N TYR B 114 3.12 20.19 26.52
CA TYR B 114 2.34 20.89 27.55
C TYR B 114 2.49 20.26 28.94
N SER B 115 2.42 18.94 29.00
CA SER B 115 2.58 18.23 30.29
C SER B 115 4.03 18.25 30.79
N LEU B 116 4.97 18.46 29.88
CA LEU B 116 6.36 18.74 30.27
C LEU B 116 6.44 20.15 30.86
N LEU B 117 5.81 21.11 30.19
CA LEU B 117 5.78 22.51 30.62
C LEU B 117 5.09 22.73 31.98
N ARG B 118 4.04 21.96 32.27
CA ARG B 118 3.32 22.04 33.54
C ARG B 118 3.71 20.90 34.50
N GLY B 119 4.98 20.52 34.50
CA GLY B 119 5.49 19.46 35.38
C GLY B 119 6.89 19.77 35.89
N GLY B 120 7.37 18.92 36.81
CA GLY B 120 8.71 19.06 37.37
C GLY B 120 8.75 19.95 38.61
N SER B 121 9.44 21.08 38.51
CA SER B 121 9.72 21.94 39.66
C SER B 121 9.51 23.43 39.34
N ASP B 122 8.56 24.05 40.03
CA ASP B 122 8.37 25.50 39.98
C ASP B 122 9.36 26.16 40.94
N ASP B 123 9.99 27.25 40.49
CA ASP B 123 10.95 28.00 41.31
C ASP B 123 11.19 29.40 40.73
N SER B 124 10.69 30.42 41.44
CA SER B 124 10.79 31.81 40.99
C SER B 124 12.19 32.43 41.10
N SER B 125 13.12 31.76 41.80
CA SER B 125 14.52 32.21 41.87
C SER B 125 15.27 32.07 40.54
N LYS B 126 14.81 31.16 39.66
CA LYS B 126 15.43 30.92 38.36
C LYS B 126 14.65 31.54 37.22
N ASP B 127 15.31 31.73 36.08
CA ASP B 127 14.68 32.21 34.85
C ASP B 127 13.85 31.05 34.27
N PRO B 128 12.57 31.31 33.88
CA PRO B 128 11.79 30.27 33.16
C PRO B 128 12.52 29.61 31.97
N ILE B 129 13.24 30.41 31.19
CA ILE B 129 14.05 29.91 30.07
C ILE B 129 15.01 28.81 30.53
N ASP B 130 15.71 29.06 31.64
CA ASP B 130 16.62 28.06 32.22
C ASP B 130 15.89 26.82 32.73
N VAL B 131 14.76 27.01 33.40
CA VAL B 131 13.94 25.90 33.91
C VAL B 131 13.42 25.04 32.74
N ASN B 132 12.99 25.71 31.67
CA ASN B 132 12.58 25.03 30.45
C ASN B 132 13.72 24.35 29.70
N TYR B 133 14.94 24.93 29.76
CA TYR B 133 16.14 24.25 29.24
C TYR B 133 16.44 22.96 30.01
N GLU B 134 16.32 22.99 31.34
CA GLU B 134 16.52 21.78 32.18
C GLU B 134 15.62 20.65 31.73
N LYS B 135 14.35 20.99 31.52
CA LYS B 135 13.30 20.04 31.12
C LYS B 135 13.62 19.24 29.85
N LEU B 136 14.28 19.90 28.90
CA LEU B 136 14.64 19.25 27.62
C LEU B 136 15.68 18.13 27.75
N LYS B 137 16.53 18.19 28.78
CA LYS B 137 17.57 17.17 29.03
C LYS B 137 18.43 16.93 27.78
N THR B 138 18.96 18.04 27.26
CA THR B 138 19.67 18.09 26.00
C THR B 138 20.70 19.21 26.05
N ASP B 139 21.97 18.88 25.80
CA ASP B 139 23.00 19.89 25.60
C ASP B 139 22.76 20.55 24.25
N ILE B 140 22.62 21.87 24.25
CA ILE B 140 22.43 22.65 23.01
C ILE B 140 23.51 23.73 22.92
N LYS B 141 24.34 23.64 21.89
CA LYS B 141 25.39 24.61 21.60
C LYS B 141 25.15 25.25 20.24
N VAL B 142 25.47 26.53 20.11
CA VAL B 142 25.39 27.23 18.81
C VAL B 142 26.66 26.89 18.02
N VAL B 143 26.49 26.41 16.79
CA VAL B 143 27.62 26.12 15.91
C VAL B 143 28.14 27.44 15.34
N ASP B 144 29.47 27.58 15.32
CA ASP B 144 30.12 28.77 14.78
C ASP B 144 29.88 28.84 13.27
N ARG B 145 29.45 30.01 12.80
CA ARG B 145 29.13 30.23 11.37
C ARG B 145 30.26 29.86 10.41
N ASP B 146 31.49 30.17 10.80
CA ASP B 146 32.68 29.95 9.97
C ASP B 146 33.32 28.56 10.13
N SER B 147 32.76 27.72 11.00
CA SER B 147 33.27 26.35 11.19
C SER B 147 33.11 25.51 9.92
N GLU B 148 33.90 24.45 9.85
CA GLU B 148 33.85 23.50 8.72
C GLU B 148 32.51 22.77 8.69
N GLU B 149 32.04 22.34 9.86
CA GLU B 149 30.71 21.70 9.99
C GLU B 149 29.54 22.60 9.59
N ALA B 150 29.69 23.92 9.80
CA ALA B 150 28.71 24.89 9.31
C ALA B 150 28.73 25.04 7.80
N GLU B 151 29.92 25.02 7.21
CA GLU B 151 30.08 25.11 5.74
C GLU B 151 29.45 23.92 5.01
N ILE B 152 29.59 22.73 5.59
CA ILE B 152 29.02 21.50 5.03
C ILE B 152 27.49 21.51 5.09
N ILE B 153 26.97 21.84 6.27
CA ILE B 153 25.52 21.94 6.51
C ILE B 153 24.82 22.91 5.55
N ARG B 154 25.40 24.10 5.37
CA ARG B 154 24.80 25.09 4.46
C ARG B 154 24.79 24.64 3.00
N LYS B 155 25.80 23.87 2.61
CA LYS B 155 25.88 23.33 1.25
C LYS B 155 24.78 22.27 1.02
N TYR B 156 24.62 21.39 2.01
CA TYR B 156 23.48 20.46 2.09
C TYR B 156 22.16 21.18 1.78
N VAL B 157 21.92 22.31 2.44
CA VAL B 157 20.68 23.08 2.29
C VAL B 157 20.55 23.68 0.88
N LYS B 158 21.64 24.25 0.38
CA LYS B 158 21.66 24.96 -0.90
C LYS B 158 21.31 24.07 -2.09
N ASN B 159 21.96 22.92 -2.17
CA ASN B 159 21.87 22.04 -3.34
C ASN B 159 20.57 21.23 -3.44
N THR B 160 19.91 20.97 -2.32
CA THR B 160 18.73 20.09 -2.29
C THR B 160 17.39 20.83 -2.20
N HIS B 161 17.34 22.07 -2.72
CA HIS B 161 16.08 22.80 -2.83
C HIS B 161 15.46 22.52 -4.20
N ALA B 162 14.36 21.76 -4.21
CA ALA B 162 13.71 21.35 -5.46
C ALA B 162 12.96 22.50 -6.13
N THR B 163 12.96 22.49 -7.45
CA THR B 163 12.28 23.52 -8.27
C THR B 163 10.76 23.46 -8.12
N THR B 164 10.21 22.26 -7.87
CA THR B 164 8.76 22.08 -7.68
C THR B 164 8.28 22.70 -6.36
N HIS B 165 9.16 22.72 -5.36
CA HIS B 165 8.90 23.39 -4.08
C HIS B 165 9.45 24.82 -4.11
N ASN B 166 9.00 25.59 -5.10
CA ASN B 166 9.42 26.99 -5.28
C ASN B 166 8.41 27.99 -4.70
N ALA B 167 7.44 27.49 -3.92
CA ALA B 167 6.57 28.36 -3.12
C ALA B 167 7.36 29.24 -2.14
N TYR B 168 8.56 28.80 -1.77
CA TYR B 168 9.46 29.56 -0.90
C TYR B 168 10.95 29.37 -1.25
N ASP B 169 11.80 30.15 -0.57
CA ASP B 169 13.25 29.91 -0.52
C ASP B 169 13.75 30.02 0.93
N LEU B 170 14.94 29.47 1.19
CA LEU B 170 15.42 29.22 2.56
C LEU B 170 16.70 29.98 2.92
N GLU B 171 16.66 30.72 4.04
CA GLU B 171 17.87 31.24 4.69
C GLU B 171 18.13 30.43 5.95
N VAL B 172 19.38 30.06 6.18
CA VAL B 172 19.77 29.38 7.41
C VAL B 172 20.06 30.45 8.47
N ILE B 173 19.23 30.52 9.51
CA ILE B 173 19.38 31.48 10.60
C ILE B 173 20.39 30.95 11.64
N ASP B 174 20.04 29.85 12.31
CA ASP B 174 20.88 29.24 13.36
C ASP B 174 21.11 27.75 13.10
N ILE B 175 22.24 27.26 13.59
CA ILE B 175 22.63 25.85 13.51
C ILE B 175 23.03 25.45 14.93
N PHE B 176 22.33 24.49 15.50
CA PHE B 176 22.56 24.06 16.89
C PHE B 176 23.08 22.63 16.92
N LYS B 177 24.22 22.42 17.58
CA LYS B 177 24.72 21.08 17.87
C LYS B 177 23.97 20.60 19.09
N ILE B 178 23.27 19.48 18.97
CA ILE B 178 22.43 18.93 20.07
C ILE B 178 22.90 17.55 20.52
N GLU B 179 22.64 17.24 21.78
CA GLU B 179 23.02 15.96 22.38
C GLU B 179 22.06 15.61 23.51
N ARG B 180 21.09 14.73 23.21
CA ARG B 180 20.09 14.34 24.20
C ARG B 180 20.71 13.45 25.27
N GLU B 181 20.28 13.68 26.51
CA GLU B 181 20.87 13.01 27.67
C GLU B 181 20.66 11.50 27.61
N GLY B 182 21.72 10.76 27.29
CA GLY B 182 21.70 9.29 27.22
C GLY B 182 21.63 8.67 25.83
N GLU B 183 21.25 9.45 24.83
CA GLU B 183 20.99 8.93 23.48
C GLU B 183 22.21 8.31 22.79
N CYS B 184 23.40 8.88 23.04
CA CYS B 184 24.65 8.35 22.47
C CYS B 184 24.99 6.94 22.97
N GLN B 185 24.63 6.62 24.22
CA GLN B 185 24.74 5.26 24.77
C GLN B 185 23.76 4.31 24.10
N ARG B 186 22.50 4.74 23.97
CA ARG B 186 21.43 3.96 23.32
C ARG B 186 21.71 3.65 21.84
N TYR B 187 22.40 4.57 21.16
CA TYR B 187 22.78 4.38 19.74
C TYR B 187 24.03 3.51 19.57
N LYS B 188 24.80 3.29 20.65
CA LYS B 188 26.10 2.58 20.58
C LYS B 188 26.02 1.19 19.92
N PRO B 189 25.03 0.35 20.29
CA PRO B 189 24.89 -0.95 19.62
C PRO B 189 24.72 -0.88 18.09
N PHE B 190 24.13 0.19 17.58
CA PHE B 190 23.92 0.38 16.15
C PHE B 190 24.99 1.27 15.48
N LYS B 191 25.99 1.71 16.25
CA LYS B 191 26.99 2.67 15.76
C LYS B 191 27.94 2.05 14.72
N GLN B 192 28.11 0.73 14.77
CA GLN B 192 28.89 0.00 13.77
C GLN B 192 28.00 -1.00 13.03
N LEU B 193 26.96 -0.44 12.41
CA LEU B 193 26.25 -1.03 11.31
C LEU B 193 26.76 -0.22 10.11
N HIS B 194 26.56 -0.72 8.89
CA HIS B 194 27.00 0.00 7.69
C HIS B 194 25.92 0.99 7.20
N ASN B 195 26.27 1.78 6.17
CA ASN B 195 25.36 2.76 5.53
C ASN B 195 24.78 3.81 6.51
N ARG B 196 25.56 4.21 7.51
CA ARG B 196 25.15 5.27 8.43
C ARG B 196 25.19 6.62 7.73
N ARG B 197 24.06 7.32 7.70
CA ARG B 197 23.88 8.52 6.88
C ARG B 197 23.30 9.68 7.71
N LEU B 198 23.54 10.91 7.24
CA LEU B 198 23.08 12.13 7.88
C LEU B 198 21.89 12.68 7.09
N LEU B 199 20.71 12.69 7.71
CA LEU B 199 19.46 12.93 6.98
C LEU B 199 18.53 13.92 7.67
N TRP B 200 17.67 14.54 6.87
CA TRP B 200 16.72 15.56 7.33
C TRP B 200 15.46 14.97 7.94
N HIS B 201 15.08 15.44 9.12
CA HIS B 201 13.72 15.29 9.63
C HIS B 201 13.15 16.64 10.02
N GLY B 202 12.15 17.10 9.27
CA GLY B 202 11.45 18.35 9.58
C GLY B 202 10.15 18.06 10.30
N SER B 203 9.87 18.85 11.33
CA SER B 203 8.60 18.80 12.04
C SER B 203 8.18 20.21 12.41
N ARG B 204 6.92 20.40 12.80
CA ARG B 204 6.45 21.72 13.21
C ARG B 204 6.99 22.03 14.62
N THR B 205 7.22 23.31 14.88
CA THR B 205 8.04 23.75 16.01
C THR B 205 7.47 23.38 17.38
N THR B 206 6.14 23.30 17.48
CA THR B 206 5.47 22.85 18.72
C THR B 206 5.90 21.43 19.16
N ASN B 207 6.21 20.57 18.19
CA ASN B 207 6.62 19.19 18.44
C ASN B 207 8.02 19.02 19.06
N PHE B 208 8.88 20.03 18.93
CA PHE B 208 10.29 19.88 19.31
C PHE B 208 10.57 19.75 20.81
N ALA B 209 9.69 20.28 21.65
CA ALA B 209 9.77 20.03 23.08
C ALA B 209 9.75 18.53 23.34
N GLY B 210 8.79 17.85 22.74
CA GLY B 210 8.70 16.39 22.78
C GLY B 210 9.85 15.68 22.09
N ILE B 211 10.21 16.14 20.90
CA ILE B 211 11.28 15.53 20.11
C ILE B 211 12.65 15.61 20.82
N LEU B 212 12.88 16.66 21.61
CA LEU B 212 14.15 16.82 22.33
C LEU B 212 14.16 16.19 23.73
N SER B 213 13.00 16.12 24.40
CA SER B 213 12.91 15.44 25.69
C SER B 213 12.84 13.93 25.51
N GLN B 214 12.02 13.47 24.56
CA GLN B 214 11.74 12.04 24.35
C GLN B 214 12.57 11.41 23.24
N GLY B 215 13.08 12.21 22.31
CA GLY B 215 13.63 11.68 21.06
C GLY B 215 12.52 11.46 20.05
N LEU B 216 12.88 11.26 18.78
CA LEU B 216 11.91 10.87 17.77
C LEU B 216 11.36 9.48 18.11
N ARG B 217 10.04 9.39 18.27
CA ARG B 217 9.36 8.15 18.64
C ARG B 217 8.53 7.61 17.49
N ILE B 218 8.16 6.33 17.60
CA ILE B 218 7.28 5.66 16.63
C ILE B 218 5.84 5.84 17.10
N ALA B 219 4.92 5.99 16.15
CA ALA B 219 3.48 6.04 16.45
C ALA B 219 3.06 4.82 17.29
N PRO B 220 2.18 5.02 18.29
CA PRO B 220 1.86 3.91 19.21
C PRO B 220 1.12 2.73 18.55
N PRO B 221 0.98 1.60 19.28
CA PRO B 221 0.24 0.44 18.75
C PRO B 221 -1.18 0.74 18.29
N GLU B 222 -1.85 1.68 18.96
CA GLU B 222 -3.24 2.03 18.63
C GLU B 222 -3.38 2.69 17.26
N ALA B 223 -2.32 3.35 16.79
CA ALA B 223 -2.33 4.03 15.49
C ALA B 223 -2.41 3.04 14.33
N PRO B 224 -3.13 3.40 13.24
CA PRO B 224 -3.29 2.50 12.11
C PRO B 224 -2.07 2.47 11.20
N VAL B 225 -1.52 1.27 10.98
CA VAL B 225 -0.40 1.08 10.05
C VAL B 225 -0.70 1.55 8.61
N THR B 226 -1.97 1.47 8.18
CA THR B 226 -2.38 1.95 6.85
C THR B 226 -2.34 3.50 6.75
N GLY B 227 -2.32 4.19 7.89
CA GLY B 227 -2.15 5.64 7.92
C GLY B 227 -0.78 6.18 7.52
N TYR B 228 0.24 5.32 7.54
CA TYR B 228 1.62 5.71 7.27
C TYR B 228 2.14 4.89 6.09
N MET B 229 2.74 5.59 5.11
CA MET B 229 3.07 5.00 3.79
C MET B 229 3.96 3.76 3.85
N PHE B 230 4.97 3.78 4.71
CA PHE B 230 5.84 2.62 4.92
C PHE B 230 5.74 2.11 6.35
N GLY B 231 4.51 2.10 6.88
CA GLY B 231 4.24 1.62 8.22
C GLY B 231 4.66 2.58 9.32
N LYS B 232 4.55 2.10 10.56
CA LYS B 232 4.86 2.90 11.73
C LYS B 232 6.35 2.82 12.06
N GLY B 233 7.09 3.73 11.45
CA GLY B 233 8.51 3.95 11.74
C GLY B 233 8.82 5.44 11.82
N ILE B 234 10.10 5.78 11.82
CA ILE B 234 10.57 7.17 11.88
C ILE B 234 11.14 7.54 10.52
N TYR B 235 10.56 8.56 9.90
CA TYR B 235 10.78 8.89 8.49
C TYR B 235 11.84 9.98 8.36
N PHE B 236 12.63 9.90 7.29
CA PHE B 236 13.72 10.84 7.01
C PHE B 236 13.80 11.12 5.52
N ALA B 237 14.63 12.08 5.15
CA ALA B 237 14.84 12.45 3.75
C ALA B 237 16.26 12.95 3.50
N ASP B 238 16.68 12.91 2.24
CA ASP B 238 17.97 13.49 1.82
C ASP B 238 17.83 14.80 1.04
N MET B 239 16.59 15.29 0.87
CA MET B 239 16.32 16.60 0.28
C MET B 239 15.67 17.50 1.35
N VAL B 240 16.30 18.65 1.60
CA VAL B 240 15.82 19.58 2.64
C VAL B 240 14.42 20.13 2.35
N SER B 241 14.10 20.34 1.08
CA SER B 241 12.81 20.92 0.70
C SER B 241 11.63 19.99 0.96
N LYS B 242 11.86 18.67 0.84
CA LYS B 242 10.83 17.68 1.15
C LYS B 242 10.54 17.72 2.65
N SER B 243 11.60 17.62 3.45
CA SER B 243 11.49 17.71 4.91
C SER B 243 10.97 19.07 5.40
N ALA B 244 11.37 20.14 4.70
CA ALA B 244 10.91 21.51 5.02
C ALA B 244 9.39 21.68 4.88
N ASN B 245 8.78 21.00 3.92
CA ASN B 245 7.31 21.03 3.79
C ASN B 245 6.58 20.50 5.02
N TYR B 246 7.22 19.59 5.77
CA TYR B 246 6.68 19.08 7.04
C TYR B 246 6.85 20.02 8.25
N CYS B 247 7.57 21.14 8.10
CA CYS B 247 7.62 22.18 9.14
C CYS B 247 6.29 22.91 9.32
N HIS B 248 5.50 23.01 8.26
CA HIS B 248 4.20 23.69 8.25
C HIS B 248 4.32 25.15 8.70
N THR B 249 5.02 25.90 7.85
CA THR B 249 5.25 27.33 8.03
C THR B 249 4.38 28.10 7.05
N SER B 250 3.74 29.16 7.54
CA SER B 250 2.95 30.07 6.72
C SER B 250 3.73 31.37 6.53
N GLN B 251 3.13 32.33 5.84
CA GLN B 251 3.64 33.70 5.81
C GLN B 251 3.58 34.34 7.21
N GLY B 252 2.51 34.05 7.95
CA GLY B 252 2.32 34.56 9.31
C GLY B 252 3.32 34.07 10.35
N ASP B 253 3.88 32.87 10.13
CA ASP B 253 4.94 32.32 10.98
C ASP B 253 5.96 31.57 10.10
N PRO B 254 6.84 32.33 9.41
CA PRO B 254 7.74 31.76 8.40
C PRO B 254 9.10 31.24 8.93
N ILE B 255 9.21 30.96 10.23
CA ILE B 255 10.41 30.37 10.80
C ILE B 255 10.14 28.89 11.10
N GLY B 256 10.96 28.01 10.53
CA GLY B 256 10.82 26.57 10.73
C GLY B 256 12.04 25.95 11.42
N LEU B 257 11.80 24.84 12.13
CA LEU B 257 12.85 24.02 12.75
C LEU B 257 12.96 22.66 12.06
N ILE B 258 14.19 22.16 11.94
CA ILE B 258 14.47 20.93 11.19
C ILE B 258 15.74 20.21 11.70
N LEU B 259 15.66 18.89 11.83
CA LEU B 259 16.75 18.09 12.39
C LEU B 259 17.71 17.57 11.34
N LEU B 260 18.93 17.29 11.80
CA LEU B 260 19.84 16.39 11.13
C LEU B 260 20.19 15.35 12.17
N GLY B 261 20.00 14.08 11.80
CA GLY B 261 20.33 12.94 12.67
C GLY B 261 21.21 11.94 11.94
N GLU B 262 21.99 11.18 12.71
CA GLU B 262 22.75 10.06 12.19
C GLU B 262 21.82 8.84 12.17
N VAL B 263 21.39 8.45 10.97
CA VAL B 263 20.45 7.35 10.80
C VAL B 263 21.22 6.08 10.45
N ALA B 264 21.23 5.11 11.36
CA ALA B 264 21.85 3.81 11.12
C ALA B 264 20.94 2.97 10.20
N LEU B 265 21.12 3.14 8.89
CA LEU B 265 20.26 2.50 7.89
C LEU B 265 20.50 1.01 7.74
N GLY B 266 21.78 0.62 7.68
CA GLY B 266 22.15 -0.78 7.47
C GLY B 266 21.76 -1.28 6.09
N ASN B 267 21.39 -2.56 6.03
CA ASN B 267 20.86 -3.15 4.80
C ASN B 267 19.43 -2.67 4.59
N MET B 268 19.20 -2.01 3.45
CA MET B 268 17.96 -1.26 3.19
C MET B 268 17.04 -2.04 2.26
N TYR B 269 15.76 -2.19 2.65
CA TYR B 269 14.74 -2.76 1.76
C TYR B 269 14.20 -1.64 0.88
N GLU B 270 14.59 -1.67 -0.40
CA GLU B 270 14.19 -0.62 -1.33
C GLU B 270 12.77 -0.92 -1.81
N LEU B 271 11.91 0.10 -1.76
CA LEU B 271 10.50 -0.04 -2.14
C LEU B 271 10.06 1.18 -2.97
N LYS B 272 9.17 0.95 -3.94
CA LYS B 272 8.73 2.01 -4.86
C LYS B 272 7.30 2.51 -4.63
N HIS B 273 6.51 1.80 -3.84
CA HIS B 273 5.12 2.17 -3.54
C HIS B 273 4.79 1.80 -2.10
N ALA B 274 3.62 2.27 -1.63
CA ALA B 274 3.19 2.07 -0.26
C ALA B 274 3.25 0.60 0.17
N SER B 275 3.94 0.35 1.28
CA SER B 275 3.99 -0.98 1.90
C SER B 275 3.76 -0.84 3.41
N HIS B 276 2.54 -1.08 3.85
CA HIS B 276 2.13 -0.81 5.24
C HIS B 276 2.55 -1.93 6.20
N ILE B 277 3.86 -2.09 6.35
CA ILE B 277 4.44 -3.22 7.10
C ILE B 277 4.50 -2.97 8.60
N SER B 278 4.35 -4.05 9.38
CA SER B 278 4.52 -4.00 10.85
C SER B 278 6.01 -4.07 11.18
N LYS B 279 6.65 -5.19 10.79
CA LYS B 279 8.09 -5.40 10.98
C LYS B 279 8.76 -5.62 9.61
N LEU B 280 10.08 -5.63 9.60
CA LEU B 280 10.85 -5.80 8.38
C LEU B 280 11.07 -7.27 8.07
N PRO B 281 11.34 -7.61 6.79
CA PRO B 281 11.80 -8.97 6.50
C PRO B 281 13.13 -9.25 7.18
N LYS B 282 13.39 -10.51 7.47
CA LYS B 282 14.50 -10.91 8.35
C LYS B 282 15.83 -10.53 7.71
N GLY B 283 16.64 -9.75 8.43
CA GLY B 283 17.95 -9.30 7.95
C GLY B 283 18.03 -7.86 7.45
N LYS B 284 16.87 -7.24 7.19
CA LYS B 284 16.82 -5.82 6.81
C LYS B 284 16.80 -4.93 8.05
N HIS B 285 17.24 -3.68 7.87
CA HIS B 285 17.32 -2.69 8.96
C HIS B 285 16.64 -1.32 8.71
N SER B 286 16.27 -1.03 7.46
CA SER B 286 15.57 0.21 7.11
C SER B 286 14.82 0.05 5.79
N VAL B 287 14.07 1.07 5.41
CA VAL B 287 13.36 1.12 4.13
C VAL B 287 13.79 2.37 3.38
N LYS B 288 14.09 2.21 2.09
CA LYS B 288 14.32 3.34 1.21
C LYS B 288 13.19 3.46 0.19
N GLY B 289 12.37 4.51 0.35
CA GLY B 289 11.43 4.91 -0.68
C GLY B 289 12.23 5.53 -1.81
N LEU B 290 12.26 4.88 -2.96
CA LEU B 290 13.08 5.33 -4.09
C LEU B 290 12.42 6.50 -4.81
N GLY B 291 13.14 7.63 -4.85
CA GLY B 291 12.66 8.83 -5.51
C GLY B 291 13.07 8.91 -6.96
N LYS B 292 12.28 9.66 -7.73
CA LYS B 292 12.54 9.92 -9.15
C LYS B 292 13.78 10.80 -9.34
N THR B 293 13.99 11.75 -8.41
CA THR B 293 15.17 12.61 -8.37
C THR B 293 15.94 12.34 -7.07
N THR B 294 17.27 12.51 -7.10
CA THR B 294 18.13 12.12 -5.98
C THR B 294 19.44 12.92 -5.90
N PRO B 295 20.04 13.06 -4.69
CA PRO B 295 21.41 13.61 -4.58
C PRO B 295 22.47 12.71 -5.24
N ASP B 296 23.39 13.32 -5.99
CA ASP B 296 24.45 12.61 -6.71
C ASP B 296 25.38 11.85 -5.75
N PRO B 297 25.51 10.50 -5.92
CA PRO B 297 26.42 9.69 -5.09
C PRO B 297 27.90 10.10 -5.14
N SER B 298 28.38 10.56 -6.29
CA SER B 298 29.76 11.02 -6.45
C SER B 298 30.09 12.24 -5.59
N ALA B 299 29.09 13.09 -5.35
CA ALA B 299 29.25 14.30 -4.54
C ALA B 299 29.01 14.12 -3.03
N ASN B 300 29.17 12.89 -2.51
CA ASN B 300 29.05 12.65 -1.07
C ASN B 300 30.30 13.11 -0.31
N ILE B 301 30.10 13.57 0.93
CA ILE B 301 31.18 13.96 1.84
C ILE B 301 30.93 13.33 3.20
N SER B 302 32.01 12.92 3.87
CA SER B 302 31.94 12.39 5.23
C SER B 302 32.07 13.52 6.25
N LEU B 303 31.20 13.52 7.25
CA LEU B 303 31.26 14.43 8.40
C LEU B 303 31.17 13.61 9.67
N ASP B 304 32.26 13.59 10.45
CA ASP B 304 32.36 12.77 11.67
C ASP B 304 32.11 11.29 11.38
N GLY B 305 32.63 10.80 10.26
CA GLY B 305 32.44 9.42 9.82
C GLY B 305 31.00 9.07 9.49
N VAL B 306 30.29 10.01 8.87
CA VAL B 306 28.89 9.83 8.45
C VAL B 306 28.70 10.46 7.07
N ASP B 307 28.14 9.70 6.12
CA ASP B 307 27.86 10.21 4.76
C ASP B 307 26.89 11.38 4.78
N VAL B 308 27.07 12.29 3.83
CA VAL B 308 26.22 13.47 3.67
C VAL B 308 25.85 13.60 2.19
N PRO B 309 24.68 13.06 1.79
CA PRO B 309 24.29 13.11 0.38
C PRO B 309 23.84 14.52 -0.01
N LEU B 310 24.82 15.36 -0.36
CA LEU B 310 24.59 16.79 -0.57
C LEU B 310 24.66 17.22 -2.05
N GLY B 311 24.55 16.26 -2.97
CA GLY B 311 24.60 16.56 -4.41
C GLY B 311 23.31 17.18 -4.92
N THR B 312 23.40 17.85 -6.06
CA THR B 312 22.24 18.50 -6.70
C THR B 312 21.29 17.48 -7.34
N GLY B 313 20.15 17.98 -7.84
CA GLY B 313 19.08 17.12 -8.36
C GLY B 313 19.35 16.47 -9.70
N ILE B 314 19.86 15.23 -9.66
CA ILE B 314 20.01 14.38 -10.85
C ILE B 314 18.91 13.31 -10.91
N SER B 315 18.63 12.81 -12.11
CA SER B 315 17.63 11.76 -12.30
C SER B 315 18.17 10.42 -11.81
N SER B 316 17.38 9.73 -10.98
CA SER B 316 17.80 8.49 -10.34
C SER B 316 17.87 7.29 -11.29
N GLY B 317 17.04 7.30 -12.34
CA GLY B 317 16.94 6.17 -13.27
C GLY B 317 15.75 5.24 -13.01
N VAL B 318 15.03 5.46 -11.91
CA VAL B 318 13.85 4.65 -11.55
C VAL B 318 12.65 5.11 -12.36
N ASN B 319 11.95 4.14 -12.96
CA ASN B 319 10.86 4.42 -13.92
C ASN B 319 9.52 4.60 -13.21
N ASP B 320 9.08 3.53 -12.53
CA ASP B 320 7.74 3.48 -11.92
C ASP B 320 7.83 3.59 -10.40
N THR B 321 7.51 4.78 -9.88
CA THR B 321 7.49 5.05 -8.44
C THR B 321 6.48 6.15 -8.09
N SER B 322 5.88 6.03 -6.91
CA SER B 322 4.95 7.04 -6.40
C SER B 322 5.66 8.32 -5.93
N LEU B 323 6.92 8.19 -5.51
CA LEU B 323 7.65 9.26 -4.83
C LEU B 323 8.43 10.17 -5.78
N LEU B 324 8.27 11.48 -5.61
CA LEU B 324 9.06 12.47 -6.35
C LEU B 324 10.52 12.48 -5.92
N TYR B 325 10.75 12.41 -4.60
CA TYR B 325 12.11 12.38 -4.02
C TYR B 325 12.21 11.25 -3.00
N ASN B 326 13.44 10.98 -2.55
CA ASN B 326 13.72 9.85 -1.65
C ASN B 326 13.05 9.92 -0.28
N GLU B 327 13.12 8.81 0.45
CA GLU B 327 12.52 8.66 1.76
C GLU B 327 13.26 7.56 2.50
N TYR B 328 13.45 7.72 3.81
CA TYR B 328 14.21 6.74 4.62
C TYR B 328 13.47 6.49 5.94
N ILE B 329 13.23 5.22 6.27
CA ILE B 329 12.46 4.85 7.47
C ILE B 329 13.18 3.82 8.34
N VAL B 330 13.11 4.00 9.66
CA VAL B 330 13.62 3.03 10.65
C VAL B 330 12.51 2.64 11.63
N TYR B 331 12.60 1.42 12.17
CA TYR B 331 11.55 0.87 13.04
C TYR B 331 12.03 0.53 14.46
N ASP B 332 13.30 0.80 14.76
CA ASP B 332 13.79 0.86 16.14
C ASP B 332 14.28 2.29 16.37
N ILE B 333 13.83 2.91 17.44
CA ILE B 333 14.17 4.31 17.75
C ILE B 333 15.64 4.50 18.13
N ALA B 334 16.29 3.43 18.59
CA ALA B 334 17.73 3.44 18.87
C ALA B 334 18.60 3.73 17.65
N GLN B 335 18.11 3.40 16.45
CA GLN B 335 18.86 3.61 15.20
C GLN B 335 19.03 5.09 14.77
N VAL B 336 18.39 6.01 15.49
CA VAL B 336 18.56 7.44 15.29
C VAL B 336 19.46 8.01 16.39
N ASN B 337 20.38 8.87 15.98
CA ASN B 337 21.12 9.75 16.88
C ASN B 337 21.05 11.17 16.34
N LEU B 338 20.40 12.07 17.06
CA LEU B 338 20.20 13.44 16.61
C LEU B 338 21.48 14.25 16.79
N LYS B 339 21.87 14.96 15.75
CA LYS B 339 23.13 15.71 15.77
C LYS B 339 22.91 17.21 15.76
N TYR B 340 22.18 17.71 14.76
CA TYR B 340 21.93 19.15 14.64
C TYR B 340 20.45 19.52 14.57
N LEU B 341 20.20 20.81 14.77
CA LEU B 341 18.89 21.41 14.63
C LEU B 341 19.06 22.75 13.94
N LEU B 342 18.58 22.86 12.70
CA LEU B 342 18.61 24.13 11.97
C LEU B 342 17.35 24.96 12.25
N LYS B 343 17.52 26.28 12.25
CA LYS B 343 16.43 27.23 12.32
C LYS B 343 16.46 27.98 11.00
N LEU B 344 15.33 27.98 10.28
CA LEU B 344 15.29 28.44 8.89
C LEU B 344 14.19 29.47 8.66
N LYS B 345 14.53 30.53 7.94
CA LYS B 345 13.55 31.51 7.46
C LYS B 345 13.02 31.01 6.12
N PHE B 346 11.70 31.06 5.95
CA PHE B 346 11.03 30.69 4.71
C PHE B 346 10.54 31.96 4.02
N ASN B 347 11.18 32.35 2.91
CA ASN B 347 10.77 33.51 2.13
C ASN B 347 9.90 33.08 0.95
N PHE B 348 8.60 33.38 1.02
CA PHE B 348 7.63 32.88 0.04
C PHE B 348 7.57 33.77 -1.21
N LYS B 349 7.98 33.22 -2.35
CA LYS B 349 7.91 33.94 -3.64
C LYS B 349 6.49 33.87 -4.24
N THR B 350 5.56 34.61 -3.63
CA THR B 350 4.16 34.65 -4.07
C THR B 350 3.46 35.91 -3.55
#